data_8OOJ
#
_entry.id   8OOJ
#
_cell.length_a   137.470
_cell.length_b   138.389
_cell.length_c   116.825
_cell.angle_alpha   90.00
_cell.angle_beta   90.00
_cell.angle_gamma   90.00
#
_symmetry.space_group_name_H-M   'C 2 2 21'
#
loop_
_entity.id
_entity.type
_entity.pdbx_description
1 polymer 'Deoxycytidine kinase'
2 non-polymer "URIDINE-5'-DIPHOSPHATE"
3 non-polymer 4-azanyl-1-[(2~{R},4~{S},5~{R})-5-ethynyl-5-(hydroxymethyl)-4-oxidanyl-oxolan-2-yl]pyrimidin-2-one
4 water water
#
_entity_poly.entity_id   1
_entity_poly.type   'polypeptide(L)'
_entity_poly.pdbx_seq_one_letter_code
;MGSSHHHHHHSSGLVPRGSHMATPPKRSSPSFSASSEGTRIKKISIEGNIAAGKSTFVNILKQLSEDWEVVPEPVARWSN
VQSTQDEFEELTMEQKNGGNVLQMMYEKPERWSFTFQTYACLSRIRAQLASLNGKLKDAEKPVLFFERSVYSDRYIFASN
LYESESMNETEWTIYQDWHDWMNNQFGQSLELDGIIYLQATPETCLHRIYLRGRNEEQGIPLEYLEKLHYKHESWLLHRT
LKTNFDYLQEVPILTLDVNEDFKDKYESLVEKVKEFLSTL
;
_entity_poly.pdbx_strand_id   A,B,C,D
#
# COMPACT_ATOMS: atom_id res chain seq x y z
N THR A 39 0.23 15.01 13.65
CA THR A 39 -0.41 15.67 12.48
C THR A 39 0.05 14.99 11.19
N ARG A 40 -0.86 14.94 10.20
CA ARG A 40 -0.54 14.45 8.87
C ARG A 40 0.17 15.56 8.10
N ILE A 41 1.22 15.19 7.38
CA ILE A 41 1.98 16.10 6.54
C ILE A 41 1.05 16.75 5.53
N LYS A 42 1.19 18.07 5.37
CA LYS A 42 0.57 18.78 4.25
C LYS A 42 1.51 18.69 3.05
N LYS A 43 0.96 18.31 1.89
CA LYS A 43 1.75 18.26 0.67
C LYS A 43 1.35 19.45 -0.20
N ILE A 44 2.35 20.26 -0.57
CA ILE A 44 2.13 21.44 -1.39
C ILE A 44 3.03 21.34 -2.60
N SER A 45 2.44 21.50 -3.78
CA SER A 45 3.17 21.48 -5.03
C SER A 45 3.57 22.90 -5.43
N ILE A 46 4.84 23.07 -5.82
CA ILE A 46 5.30 24.28 -6.46
C ILE A 46 5.29 24.05 -7.98
N GLU A 47 4.46 24.83 -8.70
CA GLU A 47 4.34 24.72 -10.14
C GLU A 47 4.84 26.01 -10.79
N GLY A 48 5.26 25.90 -12.05
CA GLY A 48 5.65 27.07 -12.83
C GLY A 48 6.48 26.69 -14.04
N ASN A 49 6.68 27.67 -14.93
CA ASN A 49 7.30 27.42 -16.22
C ASN A 49 8.78 27.08 -15.99
N ILE A 50 9.47 26.73 -17.08
CA ILE A 50 10.90 26.47 -17.03
C ILE A 50 11.62 27.77 -16.65
N ALA A 51 12.53 27.67 -15.68
CA ALA A 51 13.38 28.77 -15.22
C ALA A 51 12.54 29.89 -14.60
N ALA A 52 11.35 29.55 -14.09
CA ALA A 52 10.50 30.52 -13.41
C ALA A 52 11.11 30.87 -12.05
N GLY A 53 11.85 29.93 -11.46
CA GLY A 53 12.53 30.14 -10.18
C GLY A 53 11.99 29.24 -9.06
N LYS A 54 11.47 28.07 -9.40
CA LYS A 54 10.92 27.15 -8.42
C LYS A 54 12.01 26.62 -7.49
N SER A 55 13.19 26.33 -8.06
CA SER A 55 14.29 25.74 -7.31
C SER A 55 14.90 26.78 -6.36
N THR A 56 15.01 28.03 -6.82
CA THR A 56 15.45 29.14 -5.98
C THR A 56 14.52 29.28 -4.78
N PHE A 57 13.21 29.29 -5.06
CA PHE A 57 12.19 29.57 -4.07
C PHE A 57 12.15 28.44 -3.03
N VAL A 58 12.15 27.20 -3.50
CA VAL A 58 12.06 26.04 -2.64
C VAL A 58 13.30 25.94 -1.75
N ASN A 59 14.43 26.47 -2.21
CA ASN A 59 15.66 26.44 -1.42
C ASN A 59 15.61 27.50 -0.34
N ILE A 60 14.88 28.59 -0.60
CA ILE A 60 14.66 29.63 0.38
C ILE A 60 13.72 29.13 1.47
N LEU A 61 12.64 28.44 1.07
CA LEU A 61 11.65 27.96 2.02
C LEU A 61 12.28 26.97 3.00
N LYS A 62 12.95 25.93 2.50
CA LYS A 62 13.34 24.82 3.37
C LYS A 62 14.19 25.31 4.54
N GLN A 63 14.91 26.43 4.36
CA GLN A 63 15.79 26.99 5.38
C GLN A 63 15.03 27.76 6.46
N LEU A 64 13.75 28.07 6.22
CA LEU A 64 13.04 29.03 7.07
C LEU A 64 12.28 28.33 8.20
N SER A 65 12.13 27.00 8.12
CA SER A 65 11.38 26.29 9.14
C SER A 65 11.79 24.82 9.19
N GLU A 66 11.78 24.28 10.41
CA GLU A 66 12.06 22.88 10.66
C GLU A 66 10.81 22.04 10.41
N ASP A 67 9.67 22.71 10.18
CA ASP A 67 8.44 22.03 9.77
C ASP A 67 8.33 21.93 8.24
N TRP A 68 9.31 22.48 7.51
CA TRP A 68 9.21 22.64 6.07
C TRP A 68 10.29 21.82 5.38
N GLU A 69 9.86 20.93 4.48
CA GLU A 69 10.79 20.09 3.72
C GLU A 69 10.47 20.20 2.23
N VAL A 70 11.29 19.54 1.41
CA VAL A 70 11.37 19.81 -0.01
C VAL A 70 11.71 18.52 -0.76
N VAL A 71 10.95 18.23 -1.82
CA VAL A 71 11.28 17.17 -2.76
C VAL A 71 11.63 17.80 -4.11
N PRO A 72 12.93 17.90 -4.46
CA PRO A 72 13.33 18.45 -5.75
C PRO A 72 12.88 17.56 -6.89
N GLU A 73 12.70 18.18 -8.07
CA GLU A 73 12.32 17.49 -9.29
C GLU A 73 13.49 16.62 -9.75
N PRO A 74 13.31 15.29 -9.86
CA PRO A 74 14.37 14.40 -10.34
C PRO A 74 15.01 14.84 -11.66
N VAL A 75 14.22 15.39 -12.59
CA VAL A 75 14.72 15.77 -13.91
C VAL A 75 15.77 16.87 -13.78
N ALA A 76 15.60 17.78 -12.82
CA ALA A 76 16.55 18.87 -12.62
C ALA A 76 17.88 18.33 -12.11
N ARG A 77 17.84 17.31 -11.24
CA ARG A 77 19.05 16.68 -10.74
C ARG A 77 19.80 16.00 -11.90
N TRP A 78 19.06 15.42 -12.85
CA TRP A 78 19.65 14.73 -13.99
C TRP A 78 20.52 15.68 -14.79
N SER A 79 20.06 16.93 -14.91
CA SER A 79 20.69 17.94 -15.76
C SER A 79 22.06 18.31 -15.21
N ASN A 80 22.07 18.83 -13.96
CA ASN A 80 23.31 19.00 -13.22
C ASN A 80 24.37 19.65 -14.12
N LEU A 91 26.26 10.03 -11.63
CA LEU A 91 26.90 8.76 -11.19
C LEU A 91 25.86 7.65 -11.05
N THR A 92 24.73 7.95 -10.37
CA THR A 92 23.74 6.94 -10.03
C THR A 92 23.10 6.37 -11.30
N MET A 93 22.32 5.30 -11.13
CA MET A 93 21.69 4.61 -12.25
C MET A 93 20.58 5.49 -12.84
N GLU A 94 19.76 6.10 -11.98
CA GLU A 94 18.68 6.96 -12.43
C GLU A 94 19.23 8.21 -13.13
N GLN A 95 20.28 8.82 -12.56
CA GLN A 95 20.84 10.04 -13.13
C GLN A 95 21.50 9.78 -14.47
N LYS A 96 22.19 8.64 -14.61
CA LYS A 96 22.80 8.22 -15.86
C LYS A 96 21.74 8.03 -16.94
N ASN A 97 20.69 7.25 -16.61
CA ASN A 97 19.56 7.05 -17.51
C ASN A 97 18.85 8.36 -17.80
N GLY A 98 18.63 9.15 -16.74
CA GLY A 98 17.97 10.44 -16.86
C GLY A 98 18.80 11.42 -17.70
N GLY A 99 20.11 11.45 -17.42
CA GLY A 99 21.05 12.21 -18.23
C GLY A 99 20.86 11.92 -19.71
N ASN A 100 20.99 10.64 -20.09
CA ASN A 100 20.92 10.23 -21.48
C ASN A 100 19.56 10.59 -22.10
N VAL A 101 18.46 10.16 -21.44
CA VAL A 101 17.15 10.26 -22.05
C VAL A 101 16.74 11.74 -22.17
N LEU A 102 17.21 12.58 -21.24
CA LEU A 102 16.91 14.00 -21.27
C LEU A 102 17.58 14.65 -22.48
N GLN A 103 18.82 14.21 -22.75
CA GLN A 103 19.61 14.70 -23.86
C GLN A 103 19.04 14.16 -25.17
N MET A 104 18.67 12.88 -25.17
CA MET A 104 18.10 12.24 -26.34
C MET A 104 16.77 12.90 -26.70
N MET A 105 15.99 13.31 -25.69
CA MET A 105 14.69 13.89 -25.95
C MET A 105 14.84 15.27 -26.60
N TYR A 106 15.77 16.09 -26.08
CA TYR A 106 15.91 17.44 -26.60
C TYR A 106 16.63 17.41 -27.95
N GLU A 107 17.28 16.29 -28.30
CA GLU A 107 17.83 16.09 -29.63
C GLU A 107 16.77 15.63 -30.63
N LYS A 108 15.79 14.86 -30.18
CA LYS A 108 14.79 14.27 -31.06
C LYS A 108 13.54 13.91 -30.26
N PRO A 109 12.69 14.91 -29.92
CA PRO A 109 11.58 14.67 -29.01
C PRO A 109 10.50 13.72 -29.55
N GLU A 110 10.42 13.56 -30.88
CA GLU A 110 9.42 12.68 -31.48
C GLU A 110 9.79 11.21 -31.25
N ARG A 111 11.06 10.90 -31.03
CA ARG A 111 11.49 9.55 -30.73
C ARG A 111 11.40 9.26 -29.23
N TRP A 112 11.70 10.26 -28.39
CA TRP A 112 12.05 9.99 -27.00
C TRP A 112 11.08 10.59 -25.99
N SER A 113 10.09 11.37 -26.45
CA SER A 113 9.16 12.02 -25.55
C SER A 113 8.50 11.02 -24.59
N PHE A 114 7.93 9.95 -25.14
CA PHE A 114 7.21 8.98 -24.32
C PHE A 114 8.15 8.39 -23.27
N THR A 115 9.31 7.88 -23.71
CA THR A 115 10.25 7.23 -22.81
C THR A 115 10.63 8.20 -21.69
N PHE A 116 11.01 9.44 -22.07
CA PHE A 116 11.44 10.45 -21.13
C PHE A 116 10.35 10.76 -20.10
N GLN A 117 9.11 10.95 -20.57
CA GLN A 117 8.01 11.39 -19.72
C GLN A 117 7.64 10.30 -18.71
N THR A 118 7.62 9.03 -19.15
CA THR A 118 7.30 7.94 -18.24
C THR A 118 8.38 7.80 -17.16
N TYR A 119 9.64 8.04 -17.51
CA TYR A 119 10.72 7.87 -16.53
C TYR A 119 10.76 9.05 -15.56
N ALA A 120 10.46 10.25 -16.06
CA ALA A 120 10.44 11.44 -15.22
C ALA A 120 9.35 11.30 -14.16
N CYS A 121 8.19 10.80 -14.58
CA CYS A 121 7.06 10.68 -13.68
C CYS A 121 7.28 9.54 -12.67
N LEU A 122 7.76 8.39 -13.15
CA LEU A 122 8.12 7.29 -12.27
C LEU A 122 9.08 7.79 -11.18
N SER A 123 10.13 8.49 -11.61
CA SER A 123 11.15 8.98 -10.71
C SER A 123 10.54 9.94 -9.69
N ARG A 124 9.62 10.79 -10.15
CA ARG A 124 8.98 11.76 -9.27
C ARG A 124 8.23 11.02 -8.17
N ILE A 125 7.32 10.11 -8.57
CA ILE A 125 6.51 9.31 -7.66
C ILE A 125 7.40 8.67 -6.58
N ARG A 126 8.51 8.07 -7.01
CA ARG A 126 9.41 7.35 -6.11
C ARG A 126 10.06 8.31 -5.13
N ALA A 127 10.62 9.42 -5.63
CA ALA A 127 11.25 10.41 -4.76
C ALA A 127 10.23 11.00 -3.79
N GLN A 128 9.00 11.23 -4.27
CA GLN A 128 7.98 11.88 -3.45
C GLN A 128 7.49 10.94 -2.35
N LEU A 129 7.44 9.63 -2.65
CA LEU A 129 7.02 8.63 -1.67
C LEU A 129 8.12 8.44 -0.62
N ALA A 130 9.38 8.58 -1.04
CA ALA A 130 10.52 8.40 -0.17
C ALA A 130 10.60 9.54 0.87
N SER A 131 10.15 10.74 0.48
CA SER A 131 10.15 11.89 1.38
C SER A 131 8.99 11.81 2.36
N LEU A 132 7.85 11.28 1.93
CA LEU A 132 6.67 11.13 2.78
C LEU A 132 6.92 10.10 3.88
N ASN A 133 7.48 8.94 3.48
CA ASN A 133 7.80 7.87 4.41
C ASN A 133 9.18 8.17 5.01
N GLY A 134 9.17 9.07 6.00
CA GLY A 134 10.34 9.82 6.43
C GLY A 134 9.98 11.29 6.62
N LYS A 135 10.84 12.03 7.32
CA LYS A 135 10.80 13.49 7.38
C LYS A 135 9.53 13.98 8.06
N LEU A 136 9.61 15.20 8.61
CA LEU A 136 8.51 15.86 9.30
C LEU A 136 7.88 14.91 10.33
N LYS A 137 8.77 14.27 11.11
CA LYS A 137 8.38 13.19 11.99
C LYS A 137 7.59 13.74 13.17
N ASP A 138 8.25 14.61 13.97
CA ASP A 138 7.69 15.09 15.22
C ASP A 138 7.13 16.50 15.06
N ALA A 139 7.24 17.06 13.84
CA ALA A 139 6.85 18.44 13.58
C ALA A 139 5.37 18.64 13.88
N GLU A 140 4.99 19.89 14.19
CA GLU A 140 3.66 20.21 14.70
C GLU A 140 2.76 20.60 13.53
N LYS A 141 3.30 21.38 12.59
CA LYS A 141 2.62 21.69 11.35
C LYS A 141 3.55 21.32 10.19
N PRO A 142 3.74 20.01 9.92
CA PRO A 142 4.67 19.56 8.87
C PRO A 142 4.16 19.95 7.48
N VAL A 143 5.04 20.52 6.66
CA VAL A 143 4.70 20.81 5.27
C VAL A 143 5.80 20.28 4.37
N LEU A 144 5.39 19.52 3.35
CA LEU A 144 6.30 19.00 2.34
C LEU A 144 6.01 19.73 1.02
N PHE A 145 7.06 20.34 0.44
CA PHE A 145 6.95 21.09 -0.79
C PHE A 145 7.47 20.24 -1.95
N PHE A 146 6.57 19.89 -2.87
CA PHE A 146 6.93 19.20 -4.10
C PHE A 146 7.32 20.22 -5.17
N GLU A 147 8.54 20.07 -5.72
CA GLU A 147 8.90 20.81 -6.92
C GLU A 147 8.22 20.14 -8.11
N ARG A 148 7.07 20.69 -8.51
CA ARG A 148 6.18 20.10 -9.52
C ARG A 148 5.55 18.81 -9.02
N SER A 149 4.48 18.40 -9.70
CA SER A 149 3.69 17.24 -9.33
C SER A 149 3.56 16.28 -10.50
N VAL A 150 2.86 15.16 -10.27
CA VAL A 150 2.56 14.18 -11.29
C VAL A 150 1.53 14.75 -12.27
N TYR A 151 0.81 15.79 -11.83
CA TYR A 151 -0.21 16.41 -12.65
C TYR A 151 0.43 17.28 -13.72
N SER A 152 1.45 18.07 -13.35
CA SER A 152 2.14 18.91 -14.33
C SER A 152 2.90 18.02 -15.32
N ASP A 153 3.40 16.87 -14.88
CA ASP A 153 4.01 15.91 -15.79
C ASP A 153 3.06 15.59 -16.94
N ARG A 154 1.83 15.22 -16.58
CA ARG A 154 0.84 14.76 -17.54
C ARG A 154 0.18 15.93 -18.27
N TYR A 155 -0.35 16.90 -17.51
CA TYR A 155 -1.27 17.89 -18.05
C TYR A 155 -0.56 19.13 -18.56
N ILE A 156 0.75 19.26 -18.32
CA ILE A 156 1.51 20.37 -18.89
C ILE A 156 2.47 19.81 -19.94
N PHE A 157 3.41 18.97 -19.50
CA PHE A 157 4.54 18.59 -20.33
C PHE A 157 4.16 17.52 -21.34
N ALA A 158 3.59 16.39 -20.87
CA ALA A 158 3.25 15.29 -21.76
C ALA A 158 2.14 15.73 -22.72
N SER A 159 1.14 16.40 -22.18
CA SER A 159 0.08 16.99 -22.99
C SER A 159 0.69 17.83 -24.10
N ASN A 160 1.58 18.77 -23.74
CA ASN A 160 2.18 19.68 -24.70
C ASN A 160 2.85 18.90 -25.83
N LEU A 161 3.64 17.86 -25.47
CA LEU A 161 4.39 17.09 -26.45
C LEU A 161 3.45 16.41 -27.45
N TYR A 162 2.31 15.92 -26.95
CA TYR A 162 1.30 15.29 -27.78
C TYR A 162 0.72 16.31 -28.75
N GLU A 163 0.38 17.50 -28.25
CA GLU A 163 -0.23 18.56 -29.05
C GLU A 163 0.77 19.15 -30.04
N SER A 164 2.07 18.98 -29.77
CA SER A 164 3.11 19.45 -30.66
CA SER A 164 3.13 19.45 -30.66
C SER A 164 3.60 18.30 -31.55
N GLU A 165 2.91 17.15 -31.46
CA GLU A 165 3.08 16.04 -32.38
C GLU A 165 4.40 15.31 -32.11
N SER A 166 4.90 15.37 -30.86
CA SER A 166 6.08 14.62 -30.45
C SER A 166 5.69 13.30 -29.80
N MET A 167 4.40 13.15 -29.50
CA MET A 167 3.84 11.85 -29.19
C MET A 167 2.65 11.64 -30.13
N ASN A 168 2.52 10.43 -30.68
CA ASN A 168 1.34 10.07 -31.45
C ASN A 168 0.21 9.68 -30.47
N GLU A 169 -0.94 9.27 -31.01
CA GLU A 169 -2.13 8.99 -30.21
C GLU A 169 -1.93 7.78 -29.29
N THR A 170 -1.35 6.71 -29.82
CA THR A 170 -1.11 5.51 -29.04
C THR A 170 -0.23 5.84 -27.83
N GLU A 171 0.87 6.57 -28.06
CA GLU A 171 1.80 6.93 -26.99
C GLU A 171 1.11 7.73 -25.90
N TRP A 172 0.33 8.73 -26.32
CA TRP A 172 -0.42 9.60 -25.42
C TRP A 172 -1.38 8.78 -24.56
N THR A 173 -2.23 7.96 -25.20
CA THR A 173 -3.24 7.18 -24.50
C THR A 173 -2.58 6.13 -23.61
N ILE A 174 -1.52 5.47 -24.09
CA ILE A 174 -0.77 4.54 -23.27
C ILE A 174 -0.24 5.28 -22.04
N TYR A 175 0.36 6.44 -22.28
CA TYR A 175 0.92 7.26 -21.22
C TYR A 175 -0.15 7.55 -20.17
N GLN A 176 -1.32 8.03 -20.63
CA GLN A 176 -2.41 8.39 -19.73
C GLN A 176 -2.90 7.17 -18.96
N ASP A 177 -2.97 6.02 -19.64
CA ASP A 177 -3.41 4.78 -19.02
C ASP A 177 -2.43 4.41 -17.91
N TRP A 178 -1.14 4.46 -18.26
CA TRP A 178 -0.04 4.23 -17.33
C TRP A 178 -0.16 5.16 -16.13
N HIS A 179 -0.29 6.46 -16.41
CA HIS A 179 -0.35 7.49 -15.40
C HIS A 179 -1.49 7.23 -14.41
N ASP A 180 -2.70 6.99 -14.93
CA ASP A 180 -3.88 6.71 -14.11
C ASP A 180 -3.60 5.59 -13.11
N TRP A 181 -3.18 4.43 -13.63
CA TRP A 181 -3.03 3.25 -12.80
C TRP A 181 -1.79 3.38 -11.90
N MET A 182 -0.73 3.98 -12.43
CA MET A 182 0.49 4.22 -11.67
C MET A 182 0.16 5.06 -10.43
N ASN A 183 -0.84 5.93 -10.55
CA ASN A 183 -1.28 6.78 -9.45
C ASN A 183 -1.98 5.96 -8.38
N ASN A 184 -3.10 5.33 -8.73
CA ASN A 184 -3.99 4.73 -7.74
C ASN A 184 -3.25 3.65 -6.94
N GLN A 185 -2.41 2.87 -7.63
CA GLN A 185 -1.69 1.78 -6.98
C GLN A 185 -0.64 2.33 -6.01
N PHE A 186 0.17 3.30 -6.47
CA PHE A 186 1.36 3.70 -5.73
C PHE A 186 1.23 5.11 -5.15
N GLY A 187 0.33 5.95 -5.69
CA GLY A 187 0.32 7.37 -5.36
C GLY A 187 -1.04 7.90 -4.92
N GLN A 188 -1.52 7.41 -3.77
CA GLN A 188 -2.74 7.92 -3.15
C GLN A 188 -2.39 8.82 -1.96
N SER A 189 -1.22 8.57 -1.36
CA SER A 189 -0.73 9.37 -0.25
C SER A 189 0.01 10.61 -0.76
N LEU A 190 0.06 10.80 -2.09
CA LEU A 190 0.74 11.92 -2.70
C LEU A 190 -0.25 13.06 -3.00
N GLU A 191 -1.55 12.80 -2.80
CA GLU A 191 -2.57 13.78 -3.13
C GLU A 191 -2.27 15.12 -2.46
N LEU A 192 -2.56 16.21 -3.18
CA LEU A 192 -2.11 17.54 -2.78
C LEU A 192 -3.14 18.20 -1.86
N ASP A 193 -2.64 18.93 -0.86
CA ASP A 193 -3.46 19.80 -0.02
C ASP A 193 -3.53 21.20 -0.63
N GLY A 194 -2.49 21.60 -1.38
CA GLY A 194 -2.47 22.89 -2.04
C GLY A 194 -1.43 22.98 -3.15
N ILE A 195 -1.52 24.07 -3.93
CA ILE A 195 -0.60 24.34 -5.03
C ILE A 195 -0.13 25.81 -4.95
N ILE A 196 1.19 25.99 -5.11
CA ILE A 196 1.76 27.32 -5.23
C ILE A 196 2.26 27.50 -6.67
N TYR A 197 1.66 28.46 -7.38
CA TYR A 197 1.98 28.72 -8.77
C TYR A 197 2.88 29.95 -8.88
N LEU A 198 4.14 29.73 -9.29
CA LEU A 198 5.09 30.81 -9.55
C LEU A 198 4.93 31.27 -11.00
N GLN A 199 4.24 32.40 -11.15
CA GLN A 199 3.91 32.99 -12.45
C GLN A 199 5.02 33.95 -12.85
N ALA A 200 5.73 33.61 -13.93
CA ALA A 200 6.62 34.50 -14.63
C ALA A 200 6.18 34.57 -16.09
N THR A 201 6.62 35.60 -16.82
CA THR A 201 6.32 35.69 -18.24
C THR A 201 7.29 34.77 -18.98
N PRO A 202 6.89 34.20 -20.14
CA PRO A 202 7.81 33.43 -20.99
C PRO A 202 9.10 34.18 -21.28
N GLU A 203 8.99 35.52 -21.43
CA GLU A 203 10.16 36.36 -21.68
C GLU A 203 11.10 36.31 -20.48
N THR A 204 10.58 36.42 -19.25
CA THR A 204 11.43 36.30 -18.06
C THR A 204 12.08 34.92 -18.03
N CYS A 205 11.28 33.89 -18.33
CA CYS A 205 11.72 32.51 -18.25
C CYS A 205 12.86 32.23 -19.23
N LEU A 206 12.75 32.75 -20.47
CA LEU A 206 13.78 32.55 -21.46
C LEU A 206 15.07 33.25 -21.01
N HIS A 207 14.94 34.45 -20.44
CA HIS A 207 16.08 35.15 -19.89
C HIS A 207 16.73 34.30 -18.80
N ARG A 208 15.90 33.71 -17.94
CA ARG A 208 16.39 32.93 -16.80
C ARG A 208 16.97 31.58 -17.26
N ILE A 209 16.45 31.03 -18.36
CA ILE A 209 17.08 29.86 -18.98
C ILE A 209 18.51 30.21 -19.36
N TYR A 210 18.67 31.39 -19.98
CA TYR A 210 19.98 31.85 -20.43
C TYR A 210 20.94 31.89 -19.23
N LEU A 211 20.56 32.62 -18.18
CA LEU A 211 21.41 32.80 -17.01
C LEU A 211 21.94 31.45 -16.52
N ARG A 212 21.04 30.46 -16.43
CA ARG A 212 21.34 29.19 -15.79
C ARG A 212 22.31 28.37 -16.65
N GLY A 213 21.98 28.21 -17.94
CA GLY A 213 22.94 27.75 -18.92
C GLY A 213 23.02 26.23 -19.07
N ARG A 214 21.98 25.49 -18.66
CA ARG A 214 21.88 24.08 -18.99
C ARG A 214 21.86 23.94 -20.51
N ASN A 215 22.73 23.08 -21.07
CA ASN A 215 22.93 23.00 -22.50
C ASN A 215 21.64 22.57 -23.21
N GLU A 216 20.96 21.55 -22.65
CA GLU A 216 19.81 20.94 -23.29
C GLU A 216 18.61 21.88 -23.40
N GLU A 217 18.75 23.10 -22.88
CA GLU A 217 17.64 24.04 -22.81
C GLU A 217 17.90 25.28 -23.68
N GLN A 218 19.14 25.49 -24.11
CA GLN A 218 19.49 26.72 -24.83
C GLN A 218 18.85 26.72 -26.21
N GLY A 219 18.36 25.55 -26.66
CA GLY A 219 17.63 25.43 -27.91
C GLY A 219 16.16 25.85 -27.81
N ILE A 220 15.64 25.98 -26.57
CA ILE A 220 14.23 26.24 -26.36
C ILE A 220 13.87 27.62 -26.89
N PRO A 221 12.87 27.71 -27.81
CA PRO A 221 12.35 29.01 -28.25
C PRO A 221 11.25 29.56 -27.35
N LEU A 222 11.01 30.86 -27.47
CA LEU A 222 10.01 31.56 -26.68
C LEU A 222 8.63 30.95 -26.88
N GLU A 223 8.40 30.39 -28.08
CA GLU A 223 7.11 29.84 -28.46
C GLU A 223 6.80 28.58 -27.66
N TYR A 224 7.83 27.77 -27.39
CA TYR A 224 7.68 26.57 -26.57
C TYR A 224 7.34 26.97 -25.14
N LEU A 225 8.02 28.00 -24.62
CA LEU A 225 7.74 28.55 -23.29
C LEU A 225 6.33 29.11 -23.24
N GLU A 226 5.89 29.75 -24.34
CA GLU A 226 4.56 30.35 -24.41
C GLU A 226 3.49 29.27 -24.33
N LYS A 227 3.69 28.15 -25.01
CA LYS A 227 2.74 27.05 -24.97
C LYS A 227 2.64 26.51 -23.53
N LEU A 228 3.79 26.34 -22.87
CA LEU A 228 3.81 25.85 -21.50
C LEU A 228 3.13 26.87 -20.58
N HIS A 229 3.34 28.16 -20.87
CA HIS A 229 2.73 29.21 -20.09
C HIS A 229 1.21 29.12 -20.21
N TYR A 230 0.70 28.92 -21.42
CA TYR A 230 -0.73 28.88 -21.67
C TYR A 230 -1.40 27.78 -20.84
N LYS A 231 -0.72 26.63 -20.71
CA LYS A 231 -1.27 25.49 -19.98
C LYS A 231 -1.21 25.73 -18.48
N HIS A 232 -0.18 26.46 -18.00
CA HIS A 232 -0.10 26.80 -16.59
C HIS A 232 -1.26 27.72 -16.23
N GLU A 233 -1.46 28.77 -17.04
CA GLU A 233 -2.53 29.73 -16.83
C GLU A 233 -3.89 29.03 -16.84
N SER A 234 -4.12 28.17 -17.84
CA SER A 234 -5.37 27.44 -17.95
C SER A 234 -5.68 26.70 -16.66
N TRP A 235 -4.69 25.92 -16.18
CA TRP A 235 -4.88 24.96 -15.12
C TRP A 235 -4.95 25.63 -13.76
N LEU A 236 -4.14 26.68 -13.55
CA LEU A 236 -3.85 27.19 -12.22
C LEU A 236 -4.47 28.56 -11.97
N LEU A 237 -4.47 29.42 -12.99
CA LEU A 237 -5.02 30.76 -12.84
C LEU A 237 -6.52 30.74 -13.18
N HIS A 238 -6.85 30.21 -14.36
CA HIS A 238 -8.22 30.16 -14.83
C HIS A 238 -8.95 28.94 -14.29
N ARG A 239 -8.21 27.83 -14.14
CA ARG A 239 -8.75 26.57 -13.64
C ARG A 239 -9.76 25.99 -14.65
N THR A 240 -9.42 26.07 -15.93
CA THR A 240 -10.27 25.56 -17.00
C THR A 240 -9.93 24.10 -17.31
N LEU A 241 -8.63 23.76 -17.22
CA LEU A 241 -8.13 22.45 -17.58
C LEU A 241 -8.76 21.37 -16.69
N LYS A 242 -9.53 20.48 -17.31
CA LYS A 242 -10.11 19.33 -16.62
C LYS A 242 -9.08 18.21 -16.53
N THR A 243 -9.04 17.54 -15.38
CA THR A 243 -8.12 16.43 -15.14
C THR A 243 -8.92 15.14 -15.01
N ASN A 244 -8.23 14.06 -14.63
CA ASN A 244 -8.84 12.77 -14.40
C ASN A 244 -8.93 12.52 -12.89
N PHE A 245 -8.64 13.58 -12.11
CA PHE A 245 -8.57 13.50 -10.66
C PHE A 245 -9.51 14.54 -10.08
N ASP A 246 -10.63 14.06 -9.50
CA ASP A 246 -11.77 14.89 -9.19
C ASP A 246 -11.43 15.89 -8.07
N TYR A 247 -10.52 15.49 -7.17
CA TYR A 247 -10.22 16.25 -5.97
C TYR A 247 -9.51 17.56 -6.31
N LEU A 248 -8.84 17.61 -7.47
CA LEU A 248 -8.00 18.74 -7.84
C LEU A 248 -8.80 20.00 -8.12
N GLN A 249 -10.11 19.88 -8.39
CA GLN A 249 -10.93 21.05 -8.67
C GLN A 249 -11.20 21.85 -7.39
N GLU A 250 -11.17 21.18 -6.23
CA GLU A 250 -11.43 21.81 -4.96
C GLU A 250 -10.14 22.10 -4.21
N VAL A 251 -9.00 22.04 -4.91
CA VAL A 251 -7.70 22.21 -4.28
C VAL A 251 -7.31 23.69 -4.34
N PRO A 252 -6.95 24.30 -3.18
CA PRO A 252 -6.58 25.72 -3.14
C PRO A 252 -5.24 26.03 -3.82
N ILE A 253 -5.18 27.19 -4.48
CA ILE A 253 -4.04 27.56 -5.30
C ILE A 253 -3.61 28.99 -4.96
N LEU A 254 -2.32 29.15 -4.67
CA LEU A 254 -1.72 30.46 -4.45
C LEU A 254 -0.88 30.83 -5.67
N THR A 255 -1.18 31.97 -6.28
CA THR A 255 -0.44 32.48 -7.42
C THR A 255 0.45 33.64 -6.97
N LEU A 256 1.76 33.49 -7.24
CA LEU A 256 2.76 34.50 -6.88
C LEU A 256 3.45 34.99 -8.14
N ASP A 257 3.54 36.33 -8.28
CA ASP A 257 4.34 36.93 -9.34
C ASP A 257 5.82 36.84 -8.98
N VAL A 258 6.62 36.25 -9.86
CA VAL A 258 8.03 36.06 -9.60
C VAL A 258 8.85 36.66 -10.74
N ASN A 259 8.27 37.66 -11.43
CA ASN A 259 8.95 38.30 -12.54
C ASN A 259 10.14 39.11 -12.01
N GLU A 260 9.93 39.84 -10.90
CA GLU A 260 11.00 40.59 -10.26
C GLU A 260 11.93 39.62 -9.52
N ASP A 261 13.23 39.86 -9.61
CA ASP A 261 14.22 39.03 -8.93
C ASP A 261 13.89 39.01 -7.43
N PHE A 262 14.00 37.83 -6.81
CA PHE A 262 13.57 37.68 -5.43
C PHE A 262 14.64 37.02 -4.57
N LYS A 263 15.80 36.69 -5.15
CA LYS A 263 16.82 35.95 -4.43
C LYS A 263 17.23 36.66 -3.13
N ASP A 264 17.29 37.99 -3.15
CA ASP A 264 17.77 38.74 -2.00
C ASP A 264 16.62 39.45 -1.29
N LYS A 265 15.38 39.17 -1.71
CA LYS A 265 14.24 39.98 -1.33
C LYS A 265 12.97 39.19 -1.58
N TYR A 266 12.62 38.32 -0.63
CA TYR A 266 11.58 37.33 -0.85
C TYR A 266 10.55 37.33 0.28
N GLU A 267 10.67 38.26 1.23
CA GLU A 267 9.90 38.18 2.46
C GLU A 267 8.41 38.29 2.16
N SER A 268 8.03 39.11 1.18
CA SER A 268 6.63 39.27 0.81
CA SER A 268 6.62 39.27 0.82
C SER A 268 6.09 37.96 0.26
N LEU A 269 6.87 37.32 -0.61
CA LEU A 269 6.48 36.04 -1.20
C LEU A 269 6.27 34.99 -0.11
N VAL A 270 7.17 34.94 0.88
CA VAL A 270 7.09 33.94 1.93
C VAL A 270 5.93 34.23 2.88
N GLU A 271 5.61 35.50 3.11
CA GLU A 271 4.47 35.87 3.93
C GLU A 271 3.17 35.37 3.30
N LYS A 272 3.04 35.47 1.96
CA LYS A 272 1.85 34.99 1.29
C LYS A 272 1.71 33.49 1.47
N VAL A 273 2.83 32.76 1.36
CA VAL A 273 2.83 31.32 1.57
C VAL A 273 2.32 30.98 2.96
N LYS A 274 2.79 31.73 3.97
CA LYS A 274 2.40 31.50 5.36
C LYS A 274 0.91 31.75 5.54
N GLU A 275 0.39 32.84 4.95
CA GLU A 275 -1.04 33.11 5.04
C GLU A 275 -1.79 31.94 4.40
N PHE A 276 -1.33 31.51 3.22
CA PHE A 276 -1.95 30.44 2.46
C PHE A 276 -1.97 29.16 3.30
N LEU A 277 -0.83 28.79 3.88
CA LEU A 277 -0.75 27.56 4.66
C LEU A 277 -1.75 27.58 5.82
N SER A 278 -1.92 28.76 6.44
CA SER A 278 -2.80 28.90 7.60
C SER A 278 -4.26 28.66 7.24
N THR A 279 -4.61 28.77 5.95
CA THR A 279 -5.97 28.51 5.49
C THR A 279 -6.17 27.03 5.15
N LEU A 280 -5.06 26.28 5.02
CA LEU A 280 -5.13 24.85 4.74
C LEU A 280 -5.24 24.09 6.07
N THR B 39 -8.35 -19.89 2.82
CA THR B 39 -7.16 -20.33 2.05
C THR B 39 -6.68 -19.20 1.15
N ARG B 40 -5.35 -18.97 1.17
CA ARG B 40 -4.72 -18.09 0.20
C ARG B 40 -4.73 -18.80 -1.15
N ILE B 41 -4.92 -18.02 -2.21
CA ILE B 41 -4.94 -18.55 -3.56
C ILE B 41 -3.52 -18.95 -3.93
N LYS B 42 -3.39 -20.12 -4.59
CA LYS B 42 -2.11 -20.53 -5.16
C LYS B 42 -1.97 -19.93 -6.55
N LYS B 43 -0.77 -19.39 -6.83
CA LYS B 43 -0.52 -18.70 -8.09
C LYS B 43 0.53 -19.49 -8.86
N ILE B 44 0.12 -20.02 -10.03
CA ILE B 44 0.97 -20.83 -10.88
C ILE B 44 1.10 -20.12 -12.22
N SER B 45 2.33 -19.94 -12.68
CA SER B 45 2.58 -19.40 -14.00
C SER B 45 2.67 -20.53 -15.02
N ILE B 46 2.05 -20.33 -16.19
CA ILE B 46 2.29 -21.17 -17.37
C ILE B 46 3.28 -20.43 -18.28
N GLU B 47 4.45 -21.03 -18.51
CA GLU B 47 5.50 -20.44 -19.33
C GLU B 47 5.74 -21.31 -20.57
N GLY B 48 6.29 -20.69 -21.61
CA GLY B 48 6.51 -21.37 -22.87
C GLY B 48 6.65 -20.40 -24.05
N ASN B 49 7.23 -20.92 -25.13
CA ASN B 49 7.55 -20.12 -26.30
C ASN B 49 6.26 -19.73 -27.01
N ILE B 50 6.38 -18.94 -28.07
CA ILE B 50 5.24 -18.53 -28.87
C ILE B 50 4.64 -19.78 -29.52
N ALA B 51 3.34 -20.01 -29.28
CA ALA B 51 2.56 -21.07 -29.92
C ALA B 51 3.00 -22.45 -29.41
N ALA B 52 3.51 -22.53 -28.17
CA ALA B 52 3.78 -23.83 -27.56
C ALA B 52 2.48 -24.49 -27.12
N GLY B 53 1.41 -23.69 -26.96
CA GLY B 53 0.09 -24.18 -26.62
C GLY B 53 -0.38 -23.80 -25.21
N LYS B 54 0.09 -22.65 -24.70
CA LYS B 54 -0.28 -22.23 -23.35
C LYS B 54 -1.77 -21.92 -23.27
N SER B 55 -2.29 -21.25 -24.29
CA SER B 55 -3.68 -20.81 -24.27
C SER B 55 -4.61 -22.03 -24.37
N THR B 56 -4.25 -22.98 -25.23
CA THR B 56 -4.98 -24.23 -25.34
C THR B 56 -5.06 -24.90 -23.97
N PHE B 57 -3.91 -25.05 -23.31
CA PHE B 57 -3.80 -25.79 -22.07
C PHE B 57 -4.56 -25.06 -20.95
N VAL B 58 -4.33 -23.76 -20.83
CA VAL B 58 -5.03 -22.93 -19.86
C VAL B 58 -6.56 -23.09 -20.03
N ASN B 59 -7.03 -23.23 -21.26
CA ASN B 59 -8.46 -23.31 -21.52
C ASN B 59 -9.01 -24.71 -21.23
N ILE B 60 -8.14 -25.72 -21.26
CA ILE B 60 -8.52 -27.05 -20.79
C ILE B 60 -8.57 -27.05 -19.26
N LEU B 61 -7.55 -26.49 -18.61
CA LEU B 61 -7.44 -26.50 -17.16
C LEU B 61 -8.67 -25.87 -16.50
N LYS B 62 -9.08 -24.69 -16.98
CA LYS B 62 -10.09 -23.91 -16.29
C LYS B 62 -11.40 -24.70 -16.19
N GLN B 63 -11.69 -25.54 -17.19
CA GLN B 63 -12.95 -26.27 -17.27
C GLN B 63 -13.02 -27.45 -16.31
N LEU B 64 -11.90 -27.87 -15.71
CA LEU B 64 -11.83 -29.16 -15.03
C LEU B 64 -12.06 -29.05 -13.53
N SER B 65 -11.93 -27.85 -12.96
CA SER B 65 -12.16 -27.67 -11.53
C SER B 65 -12.73 -26.28 -11.24
N GLU B 66 -13.78 -26.23 -10.42
CA GLU B 66 -14.38 -24.98 -9.98
C GLU B 66 -13.42 -24.22 -9.06
N ASP B 67 -12.36 -24.89 -8.59
CA ASP B 67 -11.32 -24.24 -7.82
C ASP B 67 -10.21 -23.68 -8.73
N TRP B 68 -10.36 -23.84 -10.06
CA TRP B 68 -9.31 -23.49 -10.99
C TRP B 68 -9.74 -22.30 -11.83
N GLU B 69 -8.94 -21.23 -11.75
CA GLU B 69 -9.17 -20.01 -12.52
C GLU B 69 -7.90 -19.63 -13.27
N VAL B 70 -8.05 -18.66 -14.17
CA VAL B 70 -7.08 -18.44 -15.23
C VAL B 70 -7.01 -16.95 -15.55
N VAL B 71 -5.78 -16.41 -15.64
CA VAL B 71 -5.55 -15.04 -16.08
C VAL B 71 -4.87 -15.06 -17.45
N PRO B 72 -5.61 -14.80 -18.56
CA PRO B 72 -5.01 -14.82 -19.89
C PRO B 72 -4.00 -13.69 -20.05
N GLU B 73 -3.06 -13.88 -20.97
CA GLU B 73 -2.07 -12.87 -21.31
C GLU B 73 -2.74 -11.74 -22.09
N PRO B 74 -2.64 -10.47 -21.64
CA PRO B 74 -3.27 -9.35 -22.35
C PRO B 74 -2.84 -9.18 -23.81
N VAL B 75 -1.57 -9.47 -24.12
CA VAL B 75 -1.06 -9.30 -25.48
C VAL B 75 -1.81 -10.22 -26.45
N ALA B 76 -2.14 -11.44 -25.99
CA ALA B 76 -2.86 -12.40 -26.82
C ALA B 76 -4.24 -11.85 -27.19
N ARG B 77 -4.87 -11.14 -26.26
CA ARG B 77 -6.21 -10.61 -26.46
C ARG B 77 -6.17 -9.38 -27.37
N TRP B 78 -4.98 -8.77 -27.51
CA TRP B 78 -4.80 -7.66 -28.43
C TRP B 78 -4.83 -8.17 -29.88
N SER B 79 -4.34 -9.40 -30.11
CA SER B 79 -4.45 -10.06 -31.40
C SER B 79 -5.91 -10.35 -31.78
N ASN B 80 -6.72 -10.69 -30.76
CA ASN B 80 -8.08 -11.23 -30.94
C ASN B 80 -8.12 -12.16 -32.15
N LEU B 91 -12.38 -3.73 -28.50
CA LEU B 91 -13.28 -2.60 -28.15
C LEU B 91 -12.63 -1.68 -27.11
N THR B 92 -12.04 -2.26 -26.05
CA THR B 92 -11.58 -1.46 -24.92
C THR B 92 -10.35 -0.63 -25.31
N MET B 93 -10.02 0.33 -24.42
CA MET B 93 -8.96 1.29 -24.68
C MET B 93 -7.61 0.55 -24.65
N GLU B 94 -7.47 -0.45 -23.77
CA GLU B 94 -6.25 -1.23 -23.70
C GLU B 94 -6.05 -2.03 -24.99
N GLN B 95 -7.14 -2.60 -25.52
CA GLN B 95 -7.09 -3.43 -26.71
C GLN B 95 -6.72 -2.60 -27.93
N LYS B 96 -7.35 -1.42 -28.07
CA LYS B 96 -7.03 -0.51 -29.16
C LYS B 96 -5.56 -0.14 -29.12
N ASN B 97 -5.09 0.36 -27.96
CA ASN B 97 -3.70 0.73 -27.77
C ASN B 97 -2.78 -0.47 -28.00
N GLY B 98 -3.23 -1.64 -27.51
CA GLY B 98 -2.47 -2.87 -27.60
C GLY B 98 -2.36 -3.35 -29.04
N GLY B 99 -3.49 -3.28 -29.76
CA GLY B 99 -3.52 -3.59 -31.19
C GLY B 99 -2.49 -2.78 -31.96
N ASN B 100 -2.57 -1.44 -31.83
CA ASN B 100 -1.66 -0.55 -32.50
C ASN B 100 -0.20 -0.86 -32.14
N VAL B 101 0.14 -0.88 -30.85
CA VAL B 101 1.53 -0.96 -30.44
C VAL B 101 2.10 -2.34 -30.79
N LEU B 102 1.27 -3.38 -30.69
CA LEU B 102 1.65 -4.72 -31.10
C LEU B 102 2.02 -4.72 -32.58
N GLN B 103 1.21 -4.05 -33.40
CA GLN B 103 1.44 -3.96 -34.83
C GLN B 103 2.66 -3.08 -35.11
N MET B 104 2.81 -2.01 -34.33
CA MET B 104 3.93 -1.10 -34.50
C MET B 104 5.23 -1.82 -34.18
N MET B 105 5.23 -2.65 -33.13
CA MET B 105 6.46 -3.27 -32.69
C MET B 105 6.94 -4.32 -33.70
N TYR B 106 6.03 -5.14 -34.23
CA TYR B 106 6.42 -6.17 -35.17
C TYR B 106 6.78 -5.53 -36.52
N GLU B 107 6.25 -4.34 -36.79
CA GLU B 107 6.63 -3.55 -37.96
C GLU B 107 8.00 -2.91 -37.78
N LYS B 108 8.35 -2.46 -36.56
CA LYS B 108 9.58 -1.72 -36.34
C LYS B 108 10.01 -1.87 -34.88
N PRO B 109 10.63 -3.01 -34.52
CA PRO B 109 10.94 -3.32 -33.13
C PRO B 109 11.97 -2.39 -32.46
N GLU B 110 12.89 -1.84 -33.26
CA GLU B 110 13.92 -0.97 -32.71
C GLU B 110 13.35 0.39 -32.32
N ARG B 111 12.13 0.72 -32.78
CA ARG B 111 11.45 1.94 -32.39
C ARG B 111 10.49 1.67 -31.22
N TRP B 112 9.87 0.50 -31.20
CA TRP B 112 8.64 0.31 -30.44
C TRP B 112 8.76 -0.74 -29.33
N SER B 113 9.85 -1.52 -29.32
CA SER B 113 10.04 -2.55 -28.30
C SER B 113 9.81 -2.01 -26.90
N PHE B 114 10.53 -0.95 -26.52
CA PHE B 114 10.42 -0.41 -25.17
C PHE B 114 8.97 -0.09 -24.85
N THR B 115 8.29 0.63 -25.74
CA THR B 115 6.94 1.11 -25.47
C THR B 115 6.00 -0.09 -25.32
N PHE B 116 6.17 -1.08 -26.20
CA PHE B 116 5.36 -2.28 -26.20
C PHE B 116 5.54 -3.05 -24.89
N GLN B 117 6.80 -3.27 -24.51
CA GLN B 117 7.12 -4.15 -23.40
C GLN B 117 6.62 -3.55 -22.08
N THR B 118 6.71 -2.22 -21.94
CA THR B 118 6.21 -1.58 -20.72
C THR B 118 4.70 -1.75 -20.64
N TYR B 119 3.97 -1.62 -21.76
CA TYR B 119 2.52 -1.66 -21.73
C TYR B 119 1.98 -3.09 -21.59
N ALA B 120 2.72 -4.08 -22.11
CA ALA B 120 2.36 -5.47 -21.91
C ALA B 120 2.47 -5.83 -20.44
N CYS B 121 3.56 -5.40 -19.79
CA CYS B 121 3.80 -5.75 -18.40
C CYS B 121 2.81 -5.03 -17.49
N LEU B 122 2.63 -3.71 -17.70
CA LEU B 122 1.60 -2.96 -17.00
C LEU B 122 0.29 -3.72 -17.04
N SER B 123 -0.14 -4.07 -18.26
CA SER B 123 -1.44 -4.70 -18.51
C SER B 123 -1.56 -6.03 -17.80
N ARG B 124 -0.48 -6.82 -17.78
CA ARG B 124 -0.49 -8.11 -17.12
C ARG B 124 -0.64 -7.92 -15.60
N ILE B 125 0.16 -7.03 -15.03
CA ILE B 125 0.12 -6.75 -13.60
C ILE B 125 -1.31 -6.38 -13.19
N ARG B 126 -1.93 -5.49 -13.97
CA ARG B 126 -3.27 -5.00 -13.66
C ARG B 126 -4.26 -6.17 -13.68
N ALA B 127 -4.21 -7.02 -14.71
CA ALA B 127 -5.16 -8.12 -14.85
C ALA B 127 -4.92 -9.18 -13.76
N GLN B 128 -3.65 -9.39 -13.39
CA GLN B 128 -3.31 -10.42 -12.41
C GLN B 128 -3.77 -9.99 -11.02
N LEU B 129 -3.62 -8.69 -10.70
CA LEU B 129 -4.09 -8.14 -9.43
C LEU B 129 -5.62 -8.20 -9.35
N ALA B 130 -6.28 -7.94 -10.49
CA ALA B 130 -7.73 -7.87 -10.55
C ALA B 130 -8.36 -9.26 -10.38
N SER B 131 -7.69 -10.30 -10.88
CA SER B 131 -8.19 -11.67 -10.77
C SER B 131 -8.03 -12.17 -9.33
N LEU B 132 -7.13 -11.53 -8.59
CA LEU B 132 -6.76 -11.96 -7.25
C LEU B 132 -7.84 -11.55 -6.24
N ASN B 133 -8.81 -10.75 -6.71
CA ASN B 133 -9.95 -10.34 -5.90
C ASN B 133 -11.22 -10.82 -6.58
N GLY B 134 -11.37 -12.16 -6.66
CA GLY B 134 -12.60 -12.81 -7.06
C GLY B 134 -13.14 -13.67 -5.92
N LYS B 135 -14.04 -14.61 -6.25
CA LYS B 135 -14.69 -15.46 -5.27
C LYS B 135 -13.88 -16.74 -5.04
N LEU B 136 -12.72 -16.85 -5.70
CA LEU B 136 -11.87 -18.03 -5.59
C LEU B 136 -11.26 -18.15 -4.19
N LYS B 137 -11.44 -17.11 -3.34
CA LYS B 137 -10.97 -17.14 -1.96
C LYS B 137 -11.71 -18.19 -1.15
N ASP B 138 -13.02 -18.31 -1.35
CA ASP B 138 -13.88 -19.13 -0.52
C ASP B 138 -13.97 -20.58 -1.05
N ALA B 139 -13.30 -20.86 -2.16
CA ALA B 139 -13.18 -22.22 -2.66
C ALA B 139 -12.15 -22.99 -1.83
N GLU B 140 -12.16 -24.31 -1.95
CA GLU B 140 -11.44 -25.18 -1.02
C GLU B 140 -9.94 -25.12 -1.27
N LYS B 141 -9.53 -25.48 -2.50
CA LYS B 141 -8.11 -25.55 -2.86
C LYS B 141 -7.87 -24.67 -4.08
N PRO B 142 -7.86 -23.33 -3.90
CA PRO B 142 -7.94 -22.40 -5.03
C PRO B 142 -6.61 -22.26 -5.75
N VAL B 143 -6.64 -22.32 -7.08
CA VAL B 143 -5.45 -22.19 -7.90
C VAL B 143 -5.75 -21.17 -9.00
N LEU B 144 -4.85 -20.20 -9.15
CA LEU B 144 -4.93 -19.21 -10.20
C LEU B 144 -3.77 -19.45 -11.16
N PHE B 145 -4.11 -19.74 -12.42
CA PHE B 145 -3.12 -20.00 -13.45
C PHE B 145 -2.89 -18.74 -14.27
N PHE B 146 -1.68 -18.18 -14.16
CA PHE B 146 -1.24 -17.07 -14.98
C PHE B 146 -0.69 -17.57 -16.31
N GLU B 147 -1.21 -17.02 -17.42
CA GLU B 147 -0.63 -17.22 -18.73
C GLU B 147 0.59 -16.30 -18.87
N ARG B 148 1.79 -16.86 -18.65
CA ARG B 148 3.04 -16.12 -18.53
C ARG B 148 3.02 -15.19 -17.32
N SER B 149 4.18 -14.60 -17.03
CA SER B 149 4.41 -13.80 -15.84
C SER B 149 5.23 -12.56 -16.15
N VAL B 150 5.34 -11.69 -15.14
CA VAL B 150 6.16 -10.49 -15.21
C VAL B 150 7.62 -10.88 -15.38
N TYR B 151 7.98 -12.09 -14.97
CA TYR B 151 9.35 -12.57 -15.09
C TYR B 151 9.68 -12.83 -16.55
N SER B 152 8.80 -13.55 -17.27
CA SER B 152 9.03 -13.83 -18.67
C SER B 152 9.00 -12.55 -19.51
N ASP B 153 8.10 -11.60 -19.17
CA ASP B 153 8.09 -10.27 -19.79
C ASP B 153 9.50 -9.66 -19.83
N ARG B 154 10.21 -9.74 -18.70
CA ARG B 154 11.51 -9.09 -18.53
C ARG B 154 12.67 -9.98 -19.01
N TYR B 155 12.72 -11.23 -18.53
CA TYR B 155 13.93 -12.04 -18.63
C TYR B 155 13.91 -12.97 -19.84
N ILE B 156 12.82 -12.93 -20.62
CA ILE B 156 12.77 -13.62 -21.90
C ILE B 156 12.65 -12.57 -23.00
N PHE B 157 11.51 -11.88 -23.03
CA PHE B 157 11.11 -11.05 -24.16
C PHE B 157 11.91 -9.74 -24.22
N ALA B 158 11.82 -8.95 -23.15
CA ALA B 158 12.50 -7.66 -23.10
C ALA B 158 14.01 -7.88 -23.17
N SER B 159 14.51 -8.82 -22.36
CA SER B 159 15.89 -9.25 -22.45
C SER B 159 16.31 -9.52 -23.88
N ASN B 160 15.60 -10.44 -24.55
CA ASN B 160 15.97 -10.84 -25.90
C ASN B 160 15.95 -9.63 -26.84
N LEU B 161 14.99 -8.71 -26.68
CA LEU B 161 14.90 -7.55 -27.55
C LEU B 161 16.12 -6.63 -27.38
N TYR B 162 16.57 -6.46 -26.13
CA TYR B 162 17.78 -5.70 -25.86
C TYR B 162 19.00 -6.38 -26.48
N GLU B 163 19.09 -7.71 -26.35
CA GLU B 163 20.23 -8.46 -26.85
C GLU B 163 20.24 -8.49 -28.38
N SER B 164 19.06 -8.32 -28.99
CA SER B 164 18.94 -8.28 -30.45
CA SER B 164 18.94 -8.28 -30.45
C SER B 164 19.05 -6.84 -30.94
N GLU B 165 19.28 -5.90 -30.01
CA GLU B 165 19.58 -4.51 -30.31
C GLU B 165 18.32 -3.75 -30.74
N SER B 166 17.15 -4.21 -30.27
CA SER B 166 15.90 -3.50 -30.54
C SER B 166 15.59 -2.53 -29.41
N MET B 167 16.25 -2.70 -28.26
CA MET B 167 16.31 -1.69 -27.23
C MET B 167 17.77 -1.34 -26.99
N ASN B 168 18.06 -0.05 -26.78
CA ASN B 168 19.41 0.37 -26.43
C ASN B 168 19.57 0.30 -24.91
N GLU B 169 20.76 0.66 -24.41
CA GLU B 169 21.12 0.46 -23.01
C GLU B 169 20.24 1.28 -22.07
N THR B 170 19.96 2.54 -22.45
CA THR B 170 19.11 3.40 -21.65
C THR B 170 17.71 2.81 -21.54
N GLU B 171 17.12 2.42 -22.68
CA GLU B 171 15.79 1.82 -22.74
C GLU B 171 15.73 0.60 -21.82
N TRP B 172 16.72 -0.30 -21.95
CA TRP B 172 16.78 -1.53 -21.18
C TRP B 172 16.91 -1.23 -19.69
N THR B 173 17.79 -0.30 -19.33
CA THR B 173 18.03 0.02 -17.93
C THR B 173 16.78 0.69 -17.35
N ILE B 174 16.16 1.62 -18.09
CA ILE B 174 14.92 2.25 -17.63
C ILE B 174 13.86 1.18 -17.38
N TYR B 175 13.71 0.25 -18.33
CA TYR B 175 12.72 -0.80 -18.23
C TYR B 175 12.93 -1.59 -16.94
N GLN B 176 14.18 -1.98 -16.69
CA GLN B 176 14.52 -2.78 -15.52
C GLN B 176 14.24 -2.00 -14.24
N ASP B 177 14.61 -0.71 -14.24
CA ASP B 177 14.39 0.15 -13.10
C ASP B 177 12.90 0.20 -12.79
N TRP B 178 12.10 0.46 -13.84
CA TRP B 178 10.66 0.55 -13.75
C TRP B 178 10.07 -0.78 -13.26
N HIS B 179 10.64 -1.89 -13.74
CA HIS B 179 10.12 -3.22 -13.47
C HIS B 179 10.50 -3.65 -12.06
N ASP B 180 11.75 -3.39 -11.67
CA ASP B 180 12.23 -3.62 -10.32
C ASP B 180 11.32 -2.92 -9.31
N TRP B 181 11.15 -1.61 -9.51
CA TRP B 181 10.42 -0.79 -8.57
C TRP B 181 9.00 -1.31 -8.43
N MET B 182 8.29 -1.38 -9.55
CA MET B 182 6.85 -1.54 -9.60
C MET B 182 6.42 -2.93 -9.13
N ASN B 183 7.32 -3.92 -9.24
CA ASN B 183 7.07 -5.25 -8.71
C ASN B 183 7.22 -5.25 -7.19
N ASN B 184 8.29 -4.60 -6.70
CA ASN B 184 8.67 -4.63 -5.30
C ASN B 184 7.73 -3.78 -4.45
N GLN B 185 6.85 -2.99 -5.08
CA GLN B 185 5.77 -2.34 -4.37
C GLN B 185 4.71 -3.39 -4.00
N PHE B 186 4.39 -4.26 -4.96
CA PHE B 186 3.40 -5.31 -4.77
C PHE B 186 4.06 -6.53 -4.12
N GLY B 187 4.78 -6.31 -3.02
CA GLY B 187 5.53 -7.36 -2.35
C GLY B 187 4.63 -8.56 -2.06
N GLN B 188 4.98 -9.71 -2.65
CA GLN B 188 4.47 -11.02 -2.26
C GLN B 188 3.09 -11.30 -2.84
N SER B 189 2.39 -10.29 -3.39
CA SER B 189 1.00 -10.46 -3.77
C SER B 189 0.87 -11.27 -5.07
N LEU B 190 1.82 -11.11 -6.00
CA LEU B 190 1.79 -11.85 -7.25
C LEU B 190 2.87 -12.94 -7.26
N GLU B 191 3.57 -13.13 -6.13
CA GLU B 191 4.63 -14.12 -6.07
C GLU B 191 4.07 -15.51 -6.33
N LEU B 192 4.79 -16.27 -7.15
CA LEU B 192 4.30 -17.55 -7.64
C LEU B 192 4.57 -18.64 -6.62
N ASP B 193 3.69 -19.64 -6.58
CA ASP B 193 3.93 -20.84 -5.79
C ASP B 193 4.65 -21.87 -6.66
N GLY B 194 4.40 -21.84 -7.97
CA GLY B 194 5.01 -22.79 -8.89
C GLY B 194 4.97 -22.32 -10.34
N ILE B 195 5.78 -22.97 -11.18
CA ILE B 195 5.83 -22.69 -12.60
C ILE B 195 5.59 -23.99 -13.37
N ILE B 196 4.73 -23.92 -14.40
CA ILE B 196 4.55 -25.01 -15.34
C ILE B 196 5.12 -24.57 -16.69
N TYR B 197 6.16 -25.28 -17.14
CA TYR B 197 6.85 -24.96 -18.37
C TYR B 197 6.42 -25.93 -19.47
N LEU B 198 5.60 -25.43 -20.40
CA LEU B 198 5.24 -26.15 -21.62
C LEU B 198 6.40 -26.06 -22.63
N GLN B 199 7.12 -27.17 -22.81
CA GLN B 199 8.27 -27.23 -23.69
C GLN B 199 7.86 -27.80 -25.05
N ALA B 200 8.06 -26.99 -26.10
CA ALA B 200 7.93 -27.44 -27.48
C ALA B 200 9.10 -26.88 -28.28
N THR B 201 9.49 -27.57 -29.36
CA THR B 201 10.66 -27.17 -30.12
C THR B 201 10.33 -25.88 -30.88
N PRO B 202 11.36 -25.07 -31.23
CA PRO B 202 11.18 -23.90 -32.10
C PRO B 202 10.46 -24.23 -33.40
N GLU B 203 10.76 -25.41 -33.96
CA GLU B 203 10.17 -25.88 -35.20
C GLU B 203 8.67 -26.14 -35.00
N THR B 204 8.30 -26.81 -33.90
CA THR B 204 6.89 -27.01 -33.59
C THR B 204 6.19 -25.67 -33.50
N CYS B 205 6.86 -24.69 -32.87
CA CYS B 205 6.26 -23.38 -32.60
C CYS B 205 6.04 -22.62 -33.91
N LEU B 206 7.06 -22.60 -34.78
CA LEU B 206 6.96 -21.90 -36.06
C LEU B 206 5.82 -22.49 -36.88
N HIS B 207 5.67 -23.82 -36.87
CA HIS B 207 4.57 -24.49 -37.55
C HIS B 207 3.23 -24.04 -36.97
N ARG B 208 3.15 -23.99 -35.63
CA ARG B 208 1.92 -23.61 -34.95
C ARG B 208 1.61 -22.13 -35.15
N ILE B 209 2.65 -21.30 -35.31
CA ILE B 209 2.48 -19.88 -35.61
C ILE B 209 1.79 -19.72 -36.96
N TYR B 210 2.25 -20.48 -37.96
CA TYR B 210 1.64 -20.42 -39.30
C TYR B 210 0.19 -20.88 -39.26
N LEU B 211 -0.07 -22.06 -38.68
CA LEU B 211 -1.43 -22.59 -38.60
C LEU B 211 -2.35 -21.57 -37.94
N ARG B 212 -1.90 -20.97 -36.83
CA ARG B 212 -2.71 -20.03 -36.06
C ARG B 212 -2.97 -18.76 -36.89
N GLY B 213 -1.94 -18.25 -37.56
CA GLY B 213 -2.11 -17.27 -38.61
C GLY B 213 -2.40 -15.85 -38.12
N ARG B 214 -1.81 -15.46 -36.99
CA ARG B 214 -1.83 -14.07 -36.55
C ARG B 214 -0.93 -13.25 -37.47
N ASN B 215 -1.45 -12.11 -37.95
CA ASN B 215 -0.73 -11.28 -38.91
C ASN B 215 0.66 -10.94 -38.36
N GLU B 216 0.70 -10.31 -37.18
CA GLU B 216 1.92 -9.75 -36.66
C GLU B 216 2.98 -10.81 -36.37
N GLU B 217 2.64 -12.11 -36.50
CA GLU B 217 3.59 -13.17 -36.18
C GLU B 217 4.15 -13.83 -37.43
N GLN B 218 3.61 -13.48 -38.60
CA GLN B 218 3.98 -14.16 -39.84
C GLN B 218 5.38 -13.71 -40.30
N GLY B 219 5.91 -12.63 -39.70
CA GLY B 219 7.28 -12.20 -39.95
C GLY B 219 8.32 -12.93 -39.10
N ILE B 220 7.88 -13.70 -38.08
CA ILE B 220 8.79 -14.26 -37.10
C ILE B 220 9.64 -15.35 -37.76
N PRO B 221 10.98 -15.22 -37.78
CA PRO B 221 11.85 -16.30 -38.24
C PRO B 221 12.16 -17.31 -37.15
N LEU B 222 12.64 -18.48 -37.57
CA LEU B 222 12.99 -19.58 -36.68
C LEU B 222 14.02 -19.14 -35.65
N GLU B 223 15.00 -18.33 -36.07
CA GLU B 223 16.10 -17.90 -35.23
C GLU B 223 15.60 -17.15 -33.99
N TYR B 224 14.56 -16.33 -34.18
CA TYR B 224 13.93 -15.58 -33.12
C TYR B 224 13.35 -16.56 -32.08
N LEU B 225 12.66 -17.60 -32.56
CA LEU B 225 12.07 -18.59 -31.68
C LEU B 225 13.14 -19.42 -30.98
N GLU B 226 14.33 -19.53 -31.60
CA GLU B 226 15.43 -20.29 -31.01
C GLU B 226 16.06 -19.51 -29.86
N LYS B 227 16.16 -18.17 -30.01
CA LYS B 227 16.66 -17.34 -28.93
C LYS B 227 15.75 -17.47 -27.71
N LEU B 228 14.43 -17.28 -27.95
CA LEU B 228 13.44 -17.37 -26.88
C LEU B 228 13.50 -18.75 -26.22
N HIS B 229 13.66 -19.79 -27.05
CA HIS B 229 13.79 -21.15 -26.56
C HIS B 229 14.95 -21.24 -25.58
N TYR B 230 16.11 -20.73 -26.01
CA TYR B 230 17.34 -20.79 -25.22
C TYR B 230 17.11 -20.19 -23.84
N LYS B 231 16.40 -19.06 -23.81
CA LYS B 231 16.17 -18.32 -22.58
C LYS B 231 15.16 -19.03 -21.68
N HIS B 232 14.18 -19.73 -22.28
CA HIS B 232 13.28 -20.58 -21.50
C HIS B 232 14.08 -21.72 -20.85
N GLU B 233 14.95 -22.36 -21.63
CA GLU B 233 15.71 -23.50 -21.15
C GLU B 233 16.63 -23.08 -20.00
N SER B 234 17.31 -21.95 -20.18
CA SER B 234 18.23 -21.44 -19.15
C SER B 234 17.49 -21.17 -17.85
N TRP B 235 16.30 -20.58 -17.95
CA TRP B 235 15.57 -20.09 -16.80
C TRP B 235 14.89 -21.25 -16.06
N LEU B 236 14.22 -22.14 -16.81
CA LEU B 236 13.24 -23.04 -16.23
C LEU B 236 13.72 -24.49 -16.17
N LEU B 237 14.69 -24.85 -17.00
CA LEU B 237 15.12 -26.24 -17.08
C LEU B 237 16.50 -26.39 -16.44
N HIS B 238 17.51 -25.69 -16.98
CA HIS B 238 18.85 -25.70 -16.42
C HIS B 238 18.90 -24.83 -15.16
N ARG B 239 18.00 -23.85 -15.06
CA ARG B 239 17.91 -22.96 -13.91
C ARG B 239 19.24 -22.25 -13.69
N THR B 240 19.85 -21.77 -14.78
CA THR B 240 21.10 -21.03 -14.73
C THR B 240 20.83 -19.54 -14.73
N LEU B 241 19.78 -19.10 -15.44
CA LEU B 241 19.44 -17.69 -15.53
C LEU B 241 19.05 -17.18 -14.14
N LYS B 242 19.93 -16.38 -13.54
CA LYS B 242 19.67 -15.74 -12.26
C LYS B 242 18.92 -14.42 -12.50
N THR B 243 18.00 -14.10 -11.58
CA THR B 243 17.17 -12.93 -11.71
C THR B 243 17.38 -12.04 -10.49
N ASN B 244 16.52 -11.01 -10.36
CA ASN B 244 16.62 -10.08 -9.26
C ASN B 244 15.71 -10.52 -8.11
N PHE B 245 14.92 -11.57 -8.34
CA PHE B 245 13.93 -12.04 -7.39
C PHE B 245 14.40 -13.39 -6.87
N ASP B 246 14.90 -13.39 -5.62
CA ASP B 246 15.67 -14.51 -5.08
C ASP B 246 14.76 -15.71 -4.79
N TYR B 247 13.47 -15.45 -4.50
CA TYR B 247 12.53 -16.51 -4.17
C TYR B 247 12.33 -17.44 -5.36
N LEU B 248 12.56 -16.93 -6.58
CA LEU B 248 12.42 -17.68 -7.81
C LEU B 248 13.48 -18.77 -7.94
N GLN B 249 14.55 -18.69 -7.15
CA GLN B 249 15.55 -19.75 -7.10
C GLN B 249 14.94 -21.04 -6.55
N GLU B 250 13.95 -20.88 -5.66
CA GLU B 250 13.41 -21.99 -4.89
C GLU B 250 12.01 -22.37 -5.35
N VAL B 251 11.44 -21.65 -6.33
CA VAL B 251 10.10 -21.96 -6.79
C VAL B 251 10.15 -23.26 -7.58
N PRO B 252 9.32 -24.27 -7.22
CA PRO B 252 9.26 -25.52 -7.97
C PRO B 252 8.70 -25.37 -9.38
N ILE B 253 9.25 -26.15 -10.32
CA ILE B 253 8.94 -26.05 -11.74
C ILE B 253 8.57 -27.43 -12.27
N LEU B 254 7.40 -27.52 -12.92
CA LEU B 254 7.01 -28.72 -13.67
C LEU B 254 7.23 -28.46 -15.16
N THR B 255 7.99 -29.34 -15.81
CA THR B 255 8.19 -29.26 -17.25
C THR B 255 7.32 -30.32 -17.93
N LEU B 256 6.52 -29.88 -18.90
CA LEU B 256 5.67 -30.76 -19.70
C LEU B 256 6.07 -30.65 -21.17
N ASP B 257 6.33 -31.80 -21.81
CA ASP B 257 6.53 -31.84 -23.25
C ASP B 257 5.18 -31.70 -23.93
N VAL B 258 5.05 -30.71 -24.83
CA VAL B 258 3.79 -30.49 -25.53
C VAL B 258 4.02 -30.43 -27.04
N ASN B 259 5.05 -31.15 -27.53
CA ASN B 259 5.31 -31.19 -28.96
C ASN B 259 4.17 -31.91 -29.67
N GLU B 260 3.71 -33.02 -29.07
CA GLU B 260 2.58 -33.78 -29.59
C GLU B 260 1.29 -33.02 -29.29
N ASP B 261 0.35 -33.06 -30.23
CA ASP B 261 -0.99 -32.53 -30.01
C ASP B 261 -1.59 -33.17 -28.77
N PHE B 262 -2.24 -32.36 -27.93
CA PHE B 262 -2.83 -32.84 -26.68
C PHE B 262 -4.28 -32.37 -26.55
N LYS B 263 -4.85 -31.69 -27.56
CA LYS B 263 -6.16 -31.06 -27.44
C LYS B 263 -7.23 -32.08 -27.03
N ASP B 264 -7.13 -33.32 -27.52
CA ASP B 264 -8.10 -34.36 -27.21
C ASP B 264 -7.48 -35.50 -26.40
N LYS B 265 -6.23 -35.31 -25.96
CA LYS B 265 -5.52 -36.35 -25.23
C LYS B 265 -4.57 -35.65 -24.25
N TYR B 266 -5.12 -35.19 -23.13
CA TYR B 266 -4.41 -34.30 -22.24
C TYR B 266 -4.42 -34.81 -20.80
N GLU B 267 -5.00 -35.99 -20.58
CA GLU B 267 -5.21 -36.49 -19.24
C GLU B 267 -3.88 -36.64 -18.50
N SER B 268 -2.86 -37.16 -19.19
CA SER B 268 -1.55 -37.36 -18.59
CA SER B 268 -1.54 -37.35 -18.58
C SER B 268 -0.92 -36.02 -18.19
N LEU B 269 -1.08 -35.00 -19.04
CA LEU B 269 -0.59 -33.66 -18.72
C LEU B 269 -1.26 -33.16 -17.45
N VAL B 270 -2.60 -33.26 -17.39
CA VAL B 270 -3.36 -32.72 -16.28
C VAL B 270 -3.03 -33.48 -14.98
N GLU B 271 -2.94 -34.80 -15.07
CA GLU B 271 -2.54 -35.61 -13.93
C GLU B 271 -1.19 -35.12 -13.38
N LYS B 272 -0.26 -34.73 -14.25
CA LYS B 272 1.04 -34.27 -13.78
C LYS B 272 0.87 -32.95 -13.03
N VAL B 273 -0.03 -32.08 -13.54
CA VAL B 273 -0.36 -30.82 -12.88
C VAL B 273 -0.91 -31.08 -11.48
N LYS B 274 -1.90 -31.96 -11.33
CA LYS B 274 -2.51 -32.23 -10.04
C LYS B 274 -1.48 -32.76 -9.06
N GLU B 275 -0.67 -33.74 -9.49
CA GLU B 275 0.40 -34.26 -8.65
C GLU B 275 1.30 -33.12 -8.20
N PHE B 276 1.70 -32.28 -9.16
CA PHE B 276 2.54 -31.14 -8.90
C PHE B 276 1.89 -30.22 -7.86
N LEU B 277 0.60 -29.91 -8.04
CA LEU B 277 -0.09 -28.98 -7.16
C LEU B 277 -0.09 -29.51 -5.72
N SER B 278 -0.22 -30.83 -5.57
CA SER B 278 -0.34 -31.43 -4.24
C SER B 278 0.97 -31.31 -3.46
N THR B 279 2.09 -31.14 -4.16
CA THR B 279 3.39 -31.00 -3.52
C THR B 279 3.66 -29.56 -3.11
N LEU B 280 2.79 -28.63 -3.52
CA LEU B 280 2.94 -27.22 -3.18
C LEU B 280 2.17 -26.93 -1.88
N THR C 39 1.83 -21.00 15.81
CA THR C 39 2.25 -19.75 16.50
C THR C 39 3.77 -19.67 16.55
N ARG C 40 4.32 -18.71 15.79
CA ARG C 40 5.69 -18.26 15.96
C ARG C 40 5.77 -17.49 17.29
N ILE C 41 6.96 -17.51 17.88
CA ILE C 41 7.26 -16.72 19.06
C ILE C 41 7.17 -15.24 18.70
N LYS C 42 6.46 -14.46 19.51
CA LYS C 42 6.46 -13.01 19.36
C LYS C 42 7.69 -12.44 20.06
N LYS C 43 8.31 -11.44 19.43
CA LYS C 43 9.55 -10.87 19.92
C LYS C 43 9.31 -9.42 20.31
N ILE C 44 9.53 -9.12 21.60
CA ILE C 44 9.29 -7.81 22.18
C ILE C 44 10.57 -7.33 22.83
N SER C 45 11.05 -6.16 22.41
CA SER C 45 12.22 -5.55 23.01
C SER C 45 11.80 -4.59 24.13
N ILE C 46 12.47 -4.72 25.28
CA ILE C 46 12.39 -3.75 26.36
C ILE C 46 13.56 -2.78 26.24
N GLU C 47 13.26 -1.49 25.98
CA GLU C 47 14.26 -0.46 25.73
C GLU C 47 14.18 0.59 26.84
N GLY C 48 15.29 1.26 27.13
CA GLY C 48 15.35 2.18 28.26
C GLY C 48 16.78 2.49 28.69
N ASN C 49 16.94 3.65 29.35
CA ASN C 49 18.23 4.16 29.78
C ASN C 49 18.85 3.23 30.80
N ILE C 50 20.10 3.50 31.16
CA ILE C 50 20.81 2.76 32.19
C ILE C 50 20.04 2.92 33.51
N ALA C 51 19.74 1.79 34.17
CA ALA C 51 19.11 1.73 35.48
C ALA C 51 17.69 2.29 35.47
N ALA C 52 17.01 2.22 34.32
CA ALA C 52 15.61 2.63 34.24
C ALA C 52 14.70 1.59 34.88
N GLY C 53 15.16 0.33 34.95
CA GLY C 53 14.43 -0.75 35.60
C GLY C 53 14.03 -1.89 34.66
N LYS C 54 14.71 -2.00 33.51
CA LYS C 54 14.41 -3.04 32.52
C LYS C 54 14.54 -4.41 33.16
N SER C 55 15.62 -4.63 33.90
CA SER C 55 15.92 -5.94 34.44
C SER C 55 14.92 -6.31 35.54
N THR C 56 14.57 -5.34 36.38
CA THR C 56 13.54 -5.51 37.39
C THR C 56 12.23 -5.92 36.73
N PHE C 57 11.87 -5.20 35.65
CA PHE C 57 10.57 -5.34 35.01
C PHE C 57 10.43 -6.71 34.32
N VAL C 58 11.48 -7.13 33.60
CA VAL C 58 11.38 -8.36 32.83
C VAL C 58 11.45 -9.56 33.78
N ASN C 59 12.04 -9.37 34.96
CA ASN C 59 12.05 -10.40 35.98
C ASN C 59 10.65 -10.54 36.57
N ILE C 60 9.89 -9.44 36.59
CA ILE C 60 8.51 -9.46 37.02
C ILE C 60 7.66 -10.16 35.96
N LEU C 61 7.80 -9.75 34.69
CA LEU C 61 6.99 -10.33 33.62
C LEU C 61 7.16 -11.84 33.57
N LYS C 62 8.40 -12.32 33.54
CA LYS C 62 8.67 -13.72 33.24
C LYS C 62 7.91 -14.63 34.20
N GLN C 63 7.65 -14.17 35.43
CA GLN C 63 7.02 -14.98 36.46
C GLN C 63 5.49 -15.06 36.30
N LEU C 64 4.91 -14.20 35.46
CA LEU C 64 3.47 -14.06 35.40
C LEU C 64 2.84 -15.07 34.44
N SER C 65 3.59 -15.51 33.44
CA SER C 65 3.05 -16.42 32.44
C SER C 65 4.10 -17.45 32.03
N GLU C 66 3.68 -18.71 31.92
CA GLU C 66 4.54 -19.78 31.45
C GLU C 66 4.78 -19.62 29.94
N ASP C 67 4.02 -18.74 29.29
CA ASP C 67 4.22 -18.43 27.87
C ASP C 67 5.22 -17.29 27.69
N TRP C 68 5.75 -16.73 28.78
CA TRP C 68 6.58 -15.54 28.72
C TRP C 68 8.00 -15.89 29.15
N GLU C 69 8.98 -15.45 28.35
CA GLU C 69 10.39 -15.68 28.64
C GLU C 69 11.20 -14.44 28.28
N VAL C 70 12.47 -14.47 28.65
CA VAL C 70 13.34 -13.29 28.63
C VAL C 70 14.70 -13.69 28.09
N VAL C 71 15.29 -12.81 27.28
CA VAL C 71 16.71 -12.86 26.98
C VAL C 71 17.40 -11.66 27.63
N PRO C 72 18.14 -11.86 28.73
CA PRO C 72 18.87 -10.77 29.38
C PRO C 72 19.98 -10.22 28.50
N GLU C 73 20.30 -8.94 28.68
CA GLU C 73 21.41 -8.29 28.00
C GLU C 73 22.70 -8.91 28.50
N PRO C 74 23.54 -9.50 27.62
CA PRO C 74 24.80 -10.10 28.04
C PRO C 74 25.70 -9.18 28.88
N VAL C 75 25.75 -7.88 28.54
CA VAL C 75 26.65 -6.93 29.18
C VAL C 75 26.34 -6.82 30.68
N ALA C 76 25.05 -6.89 31.04
CA ALA C 76 24.65 -6.84 32.44
C ALA C 76 25.20 -8.06 33.17
N ARG C 77 25.15 -9.21 32.50
CA ARG C 77 25.70 -10.45 33.05
C ARG C 77 27.20 -10.33 33.21
N TRP C 78 27.87 -9.54 32.33
CA TRP C 78 29.31 -9.36 32.41
C TRP C 78 29.70 -8.65 33.70
N SER C 79 28.85 -7.73 34.18
CA SER C 79 29.13 -6.99 35.41
C SER C 79 28.63 -7.79 36.62
N ASN C 80 27.35 -8.17 36.60
CA ASN C 80 26.71 -8.96 37.65
C ASN C 80 27.16 -8.45 39.03
N LEU C 91 32.95 -16.64 34.86
CA LEU C 91 33.69 -17.92 34.66
C LEU C 91 33.77 -18.29 33.18
N THR C 92 32.68 -18.06 32.41
CA THR C 92 32.70 -18.34 30.98
C THR C 92 33.61 -17.34 30.27
N MET C 93 34.11 -17.74 29.10
CA MET C 93 35.12 -17.00 28.37
C MET C 93 34.53 -15.69 27.84
N GLU C 94 33.22 -15.69 27.53
CA GLU C 94 32.51 -14.48 27.17
C GLU C 94 32.44 -13.53 28.37
N GLN C 95 32.19 -14.08 29.56
CA GLN C 95 32.10 -13.26 30.77
C GLN C 95 33.44 -12.62 31.06
N LYS C 96 34.51 -13.43 31.01
CA LYS C 96 35.88 -12.99 31.24
C LYS C 96 36.28 -11.90 30.24
N ASN C 97 36.06 -12.16 28.96
CA ASN C 97 36.29 -11.17 27.91
C ASN C 97 35.41 -9.94 28.12
N GLY C 98 34.14 -10.18 28.45
CA GLY C 98 33.17 -9.12 28.58
C GLY C 98 33.50 -8.22 29.77
N GLY C 99 33.83 -8.86 30.90
CA GLY C 99 34.30 -8.15 32.09
C GLY C 99 35.51 -7.26 31.80
N ASN C 100 36.53 -7.83 31.16
CA ASN C 100 37.71 -7.05 30.80
C ASN C 100 37.31 -5.87 29.92
N VAL C 101 36.66 -6.12 28.79
CA VAL C 101 36.44 -5.09 27.80
C VAL C 101 35.45 -4.05 28.32
N LEU C 102 34.52 -4.48 29.20
CA LEU C 102 33.59 -3.56 29.83
C LEU C 102 34.37 -2.58 30.72
N GLN C 103 35.34 -3.11 31.47
CA GLN C 103 36.13 -2.30 32.38
C GLN C 103 36.99 -1.33 31.56
N MET C 104 37.66 -1.88 30.53
CA MET C 104 38.56 -1.11 29.69
C MET C 104 37.81 0.03 29.00
N MET C 105 36.56 -0.20 28.61
CA MET C 105 35.83 0.82 27.88
C MET C 105 35.54 2.02 28.78
N TYR C 106 35.15 1.76 30.03
CA TYR C 106 34.84 2.86 30.95
C TYR C 106 36.13 3.50 31.44
N GLU C 107 37.22 2.74 31.49
CA GLU C 107 38.54 3.31 31.78
C GLU C 107 38.98 4.24 30.65
N LYS C 108 38.74 3.84 29.39
CA LYS C 108 39.27 4.56 28.25
C LYS C 108 38.42 4.27 27.02
N PRO C 109 37.31 5.01 26.82
CA PRO C 109 36.35 4.68 25.77
C PRO C 109 36.81 4.97 24.35
N GLU C 110 37.74 5.92 24.18
CA GLU C 110 38.19 6.31 22.85
C GLU C 110 39.11 5.23 22.27
N ARG C 111 39.67 4.39 23.14
CA ARG C 111 40.47 3.25 22.71
C ARG C 111 39.60 2.01 22.50
N TRP C 112 38.57 1.82 23.34
CA TRP C 112 37.94 0.52 23.49
C TRP C 112 36.45 0.48 23.11
N SER C 113 35.84 1.62 22.76
CA SER C 113 34.43 1.65 22.37
C SER C 113 34.11 0.65 21.25
N PHE C 114 34.85 0.71 20.14
CA PHE C 114 34.56 -0.13 18.98
C PHE C 114 34.59 -1.60 19.38
N THR C 115 35.65 -2.03 20.09
CA THR C 115 35.81 -3.44 20.44
C THR C 115 34.68 -3.87 21.37
N PHE C 116 34.36 -3.02 22.35
CA PHE C 116 33.30 -3.30 23.30
C PHE C 116 31.97 -3.46 22.56
N GLN C 117 31.65 -2.50 21.69
CA GLN C 117 30.34 -2.45 21.06
C GLN C 117 30.15 -3.66 20.14
N THR C 118 31.18 -4.05 19.39
CA THR C 118 30.99 -5.18 18.48
C THR C 118 30.82 -6.47 19.29
N TYR C 119 31.47 -6.58 20.45
CA TYR C 119 31.35 -7.81 21.25
C TYR C 119 30.01 -7.85 21.98
N ALA C 120 29.51 -6.68 22.43
CA ALA C 120 28.22 -6.61 23.09
C ALA C 120 27.13 -7.07 22.13
N CYS C 121 27.23 -6.61 20.88
CA CYS C 121 26.24 -6.91 19.85
C CYS C 121 26.33 -8.36 19.40
N LEU C 122 27.55 -8.81 19.07
CA LEU C 122 27.78 -10.23 18.81
C LEU C 122 27.07 -11.08 19.85
N SER C 123 27.41 -10.83 21.12
CA SER C 123 26.93 -11.62 22.24
C SER C 123 25.40 -11.57 22.31
N ARG C 124 24.82 -10.39 22.11
CA ARG C 124 23.38 -10.22 22.13
C ARG C 124 22.75 -11.11 21.07
N ILE C 125 23.26 -11.02 19.83
CA ILE C 125 22.68 -11.75 18.71
C ILE C 125 22.71 -13.24 19.02
N ARG C 126 23.86 -13.72 19.50
CA ARG C 126 24.03 -15.14 19.80
C ARG C 126 22.99 -15.56 20.84
N ALA C 127 22.88 -14.80 21.94
CA ALA C 127 21.98 -15.16 23.03
C ALA C 127 20.53 -15.17 22.55
N GLN C 128 20.16 -14.17 21.74
CA GLN C 128 18.79 -14.06 21.27
C GLN C 128 18.44 -15.25 20.38
N LEU C 129 19.34 -15.61 19.45
CA LEU C 129 19.10 -16.74 18.55
C LEU C 129 18.95 -18.05 19.33
N ALA C 130 19.70 -18.20 20.43
CA ALA C 130 19.73 -19.43 21.20
C ALA C 130 18.42 -19.63 21.94
N SER C 131 17.88 -18.54 22.50
CA SER C 131 16.59 -18.57 23.20
C SER C 131 15.44 -18.77 22.21
N LEU C 132 15.61 -18.29 20.99
CA LEU C 132 14.56 -18.39 19.99
C LEU C 132 14.42 -19.84 19.51
N ASN C 133 15.45 -20.66 19.74
CA ASN C 133 15.48 -22.04 19.29
C ASN C 133 15.36 -23.00 20.48
N GLY C 134 15.50 -22.51 21.71
CA GLY C 134 15.39 -23.33 22.90
C GLY C 134 14.01 -23.24 23.54
N LYS C 135 13.56 -22.02 23.81
CA LYS C 135 12.47 -21.75 24.73
C LYS C 135 11.11 -21.76 24.02
N LEU C 136 10.05 -21.86 24.83
CA LEU C 136 8.67 -21.65 24.41
C LEU C 136 8.23 -22.68 23.36
N LYS C 137 8.63 -23.94 23.55
CA LYS C 137 8.28 -25.01 22.63
C LYS C 137 6.81 -25.38 22.78
N ASP C 138 6.41 -25.65 24.02
CA ASP C 138 5.09 -26.15 24.34
C ASP C 138 4.24 -25.02 24.92
N ALA C 139 4.11 -23.93 24.15
CA ALA C 139 3.45 -22.73 24.62
C ALA C 139 2.40 -22.30 23.60
N GLU C 140 1.38 -21.59 24.09
CA GLU C 140 0.18 -21.27 23.34
C GLU C 140 0.32 -19.91 22.66
N LYS C 141 0.63 -18.88 23.46
CA LYS C 141 0.85 -17.53 22.96
C LYS C 141 2.27 -17.09 23.34
N PRO C 142 3.32 -17.66 22.72
CA PRO C 142 4.69 -17.46 23.23
C PRO C 142 5.14 -16.02 23.03
N VAL C 143 5.77 -15.45 24.06
CA VAL C 143 6.38 -14.14 23.95
C VAL C 143 7.77 -14.21 24.57
N LEU C 144 8.77 -13.81 23.77
CA LEU C 144 10.14 -13.68 24.24
C LEU C 144 10.44 -12.19 24.39
N PHE C 145 10.87 -11.79 25.59
CA PHE C 145 11.20 -10.40 25.87
C PHE C 145 12.72 -10.21 25.83
N PHE C 146 13.18 -9.50 24.79
CA PHE C 146 14.57 -9.10 24.69
C PHE C 146 14.85 -7.91 25.63
N GLU C 147 15.83 -8.06 26.51
CA GLU C 147 16.35 -6.91 27.24
C GLU C 147 17.28 -6.13 26.31
N ARG C 148 16.78 -5.01 25.77
CA ARG C 148 17.41 -4.27 24.68
C ARG C 148 17.40 -5.08 23.38
N SER C 149 17.77 -4.41 22.28
CA SER C 149 17.85 -5.01 20.96
C SER C 149 19.17 -4.64 20.29
N VAL C 150 19.43 -5.23 19.11
CA VAL C 150 20.59 -4.88 18.31
C VAL C 150 20.46 -3.43 17.83
N TYR C 151 19.25 -2.89 17.83
CA TYR C 151 19.03 -1.52 17.36
C TYR C 151 19.49 -0.51 18.40
N SER C 152 19.24 -0.77 19.68
CA SER C 152 19.72 0.14 20.71
C SER C 152 21.25 0.11 20.78
N ASP C 153 21.85 -1.06 20.55
CA ASP C 153 23.30 -1.18 20.53
C ASP C 153 23.90 -0.17 19.55
N ARG C 154 23.34 -0.16 18.33
CA ARG C 154 23.82 0.67 17.25
C ARG C 154 23.36 2.12 17.38
N TYR C 155 22.05 2.34 17.60
CA TYR C 155 21.47 3.66 17.40
C TYR C 155 21.37 4.46 18.69
N ILE C 156 21.65 3.84 19.85
CA ILE C 156 21.72 4.58 21.10
C ILE C 156 23.19 4.69 21.52
N PHE C 157 23.82 3.54 21.80
CA PHE C 157 25.09 3.49 22.49
C PHE C 157 26.26 3.79 21.57
N ALA C 158 26.35 3.03 20.47
CA ALA C 158 27.47 3.16 19.53
C ALA C 158 27.38 4.52 18.86
N SER C 159 26.16 4.88 18.42
CA SER C 159 25.92 6.20 17.86
C SER C 159 26.42 7.27 18.83
N ASN C 160 26.05 7.13 20.12
CA ASN C 160 26.40 8.13 21.10
C ASN C 160 27.92 8.24 21.27
N LEU C 161 28.60 7.09 21.30
CA LEU C 161 30.05 7.06 21.45
C LEU C 161 30.74 7.80 20.30
N TYR C 162 30.21 7.64 19.08
CA TYR C 162 30.75 8.31 17.89
C TYR C 162 30.57 9.83 18.01
N GLU C 163 29.36 10.26 18.39
CA GLU C 163 29.06 11.68 18.56
C GLU C 163 29.91 12.28 19.69
N SER C 164 30.29 11.47 20.68
CA SER C 164 31.11 11.94 21.79
CA SER C 164 31.11 11.93 21.78
C SER C 164 32.60 11.79 21.46
N GLU C 165 32.91 11.34 20.23
CA GLU C 165 34.28 11.26 19.73
C GLU C 165 35.04 10.12 20.39
N SER C 166 34.32 9.08 20.82
CA SER C 166 34.94 7.89 21.39
C SER C 166 35.20 6.86 20.29
N MET C 167 34.53 7.03 19.15
CA MET C 167 34.87 6.34 17.92
C MET C 167 35.15 7.38 16.83
N ASN C 168 36.12 7.10 15.95
CA ASN C 168 36.31 7.95 14.78
C ASN C 168 35.39 7.48 13.65
N GLU C 169 35.41 8.22 12.54
CA GLU C 169 34.53 7.93 11.40
C GLU C 169 34.73 6.51 10.87
N THR C 170 35.99 6.08 10.79
CA THR C 170 36.32 4.75 10.27
C THR C 170 35.72 3.67 11.17
N GLU C 171 35.95 3.79 12.48
CA GLU C 171 35.39 2.86 13.46
C GLU C 171 33.87 2.78 13.32
N TRP C 172 33.23 3.96 13.29
CA TRP C 172 31.79 4.08 13.20
C TRP C 172 31.28 3.45 11.90
N THR C 173 31.94 3.75 10.78
CA THR C 173 31.46 3.26 9.49
C THR C 173 31.71 1.75 9.38
N ILE C 174 32.85 1.27 9.90
CA ILE C 174 33.09 -0.16 9.95
C ILE C 174 32.01 -0.84 10.80
N TYR C 175 31.72 -0.25 11.98
CA TYR C 175 30.75 -0.83 12.88
C TYR C 175 29.42 -0.99 12.15
N GLN C 176 28.97 0.09 11.51
CA GLN C 176 27.67 0.09 10.84
C GLN C 176 27.65 -0.95 9.72
N ASP C 177 28.73 -1.00 8.93
CA ASP C 177 28.83 -1.97 7.86
C ASP C 177 28.71 -3.38 8.44
N TRP C 178 29.44 -3.61 9.55
CA TRP C 178 29.45 -4.86 10.27
C TRP C 178 28.03 -5.22 10.73
N HIS C 179 27.39 -4.25 11.40
CA HIS C 179 26.07 -4.42 11.98
C HIS C 179 25.05 -4.71 10.88
N ASP C 180 25.11 -3.94 9.79
CA ASP C 180 24.23 -4.16 8.65
C ASP C 180 24.31 -5.60 8.18
N TRP C 181 25.54 -6.06 7.91
CA TRP C 181 25.75 -7.41 7.41
C TRP C 181 25.36 -8.43 8.47
N MET C 182 25.96 -8.31 9.65
CA MET C 182 25.82 -9.26 10.75
C MET C 182 24.35 -9.56 11.01
N ASN C 183 23.47 -8.59 10.74
CA ASN C 183 22.03 -8.73 10.92
C ASN C 183 21.36 -9.22 9.63
N ASN C 184 21.62 -8.52 8.51
CA ASN C 184 20.84 -8.70 7.28
C ASN C 184 21.12 -10.04 6.62
N GLN C 185 21.98 -10.87 7.22
CA GLN C 185 22.05 -12.27 6.86
C GLN C 185 20.78 -12.97 7.34
N PHE C 186 20.43 -12.76 8.61
CA PHE C 186 19.22 -13.32 9.19
C PHE C 186 18.00 -12.67 8.55
N GLY C 187 17.09 -13.50 8.04
CA GLY C 187 15.94 -13.04 7.29
C GLY C 187 14.74 -12.82 8.20
N GLN C 188 14.78 -11.71 8.95
CA GLN C 188 13.74 -11.33 9.90
C GLN C 188 13.72 -12.31 11.07
N SER C 189 14.87 -12.94 11.36
CA SER C 189 14.93 -13.96 12.40
C SER C 189 14.68 -13.34 13.76
N LEU C 190 15.38 -12.23 14.04
CA LEU C 190 15.27 -11.55 15.32
C LEU C 190 14.41 -10.29 15.17
N GLU C 191 13.81 -10.08 14.00
CA GLU C 191 12.97 -8.91 13.77
C GLU C 191 11.87 -8.84 14.83
N LEU C 192 11.64 -7.61 15.33
CA LEU C 192 10.80 -7.39 16.50
C LEU C 192 9.34 -7.23 16.08
N ASP C 193 8.44 -7.71 16.94
CA ASP C 193 7.00 -7.53 16.76
C ASP C 193 6.53 -6.26 17.47
N GLY C 194 7.19 -5.91 18.58
CA GLY C 194 6.87 -4.70 19.31
C GLY C 194 8.05 -4.23 20.17
N ILE C 195 7.91 -3.01 20.72
CA ILE C 195 8.92 -2.44 21.59
C ILE C 195 8.24 -1.80 22.80
N ILE C 196 8.78 -2.08 24.00
CA ILE C 196 8.32 -1.46 25.23
C ILE C 196 9.42 -0.53 25.75
N TYR C 197 9.11 0.76 25.85
CA TYR C 197 10.05 1.78 26.29
C TYR C 197 9.76 2.16 27.74
N LEU C 198 10.65 1.73 28.64
CA LEU C 198 10.62 2.15 30.03
C LEU C 198 11.24 3.54 30.15
N GLN C 199 10.38 4.56 30.29
CA GLN C 199 10.80 5.95 30.35
C GLN C 199 11.02 6.37 31.80
N ALA C 200 12.27 6.70 32.12
CA ALA C 200 12.62 7.34 33.39
C ALA C 200 13.50 8.55 33.08
N THR C 201 13.51 9.53 34.00
CA THR C 201 14.36 10.70 33.85
C THR C 201 15.81 10.27 34.06
N PRO C 202 16.79 11.04 33.52
CA PRO C 202 18.21 10.80 33.83
C PRO C 202 18.51 10.86 35.33
N GLU C 203 17.76 11.67 36.07
CA GLU C 203 17.94 11.81 37.51
C GLU C 203 17.57 10.51 38.22
N THR C 204 16.39 9.95 37.90
CA THR C 204 15.95 8.68 38.47
C THR C 204 17.00 7.61 38.16
N CYS C 205 17.46 7.61 36.91
CA CYS C 205 18.45 6.66 36.45
C CYS C 205 19.74 6.80 37.26
N LEU C 206 20.21 8.03 37.42
CA LEU C 206 21.45 8.28 38.15
C LEU C 206 21.29 7.79 39.59
N HIS C 207 20.13 8.08 40.19
CA HIS C 207 19.81 7.57 41.52
C HIS C 207 19.93 6.06 41.55
N ARG C 208 19.33 5.38 40.56
CA ARG C 208 19.21 3.93 40.57
C ARG C 208 20.54 3.23 40.26
N ILE C 209 21.46 3.93 39.58
CA ILE C 209 22.82 3.43 39.39
C ILE C 209 23.49 3.32 40.76
N TYR C 210 23.35 4.35 41.59
CA TYR C 210 23.94 4.36 42.92
C TYR C 210 23.34 3.24 43.76
N LEU C 211 22.01 3.11 43.73
CA LEU C 211 21.33 2.03 44.44
C LEU C 211 21.93 0.68 44.08
N ARG C 212 22.22 0.47 42.78
CA ARG C 212 22.61 -0.83 42.28
C ARG C 212 24.10 -1.06 42.52
N GLY C 213 24.93 -0.05 42.22
CA GLY C 213 26.30 0.02 42.69
C GLY C 213 27.29 -0.85 41.91
N ARG C 214 27.12 -0.95 40.60
CA ARG C 214 28.13 -1.56 39.74
C ARG C 214 29.33 -0.62 39.67
N ASN C 215 30.54 -1.19 39.75
CA ASN C 215 31.77 -0.41 39.83
C ASN C 215 31.94 0.49 38.60
N GLU C 216 31.76 -0.09 37.41
CA GLU C 216 32.16 0.57 36.17
C GLU C 216 31.16 1.67 35.78
N GLU C 217 30.08 1.83 36.56
CA GLU C 217 29.06 2.84 36.27
C GLU C 217 29.11 3.99 37.27
N GLN C 218 29.92 3.90 38.32
CA GLN C 218 29.91 4.90 39.38
C GLN C 218 30.55 6.19 38.87
N GLY C 219 31.30 6.12 37.75
CA GLY C 219 31.90 7.28 37.13
C GLY C 219 30.95 8.03 36.18
N ILE C 220 29.72 7.52 36.01
CA ILE C 220 28.84 8.03 34.97
C ILE C 220 28.29 9.40 35.38
N PRO C 221 28.55 10.46 34.59
CA PRO C 221 27.95 11.77 34.87
C PRO C 221 26.50 11.80 34.41
N LEU C 222 25.71 12.73 35.00
CA LEU C 222 24.33 12.94 34.62
C LEU C 222 24.24 13.26 33.12
N GLU C 223 25.22 14.04 32.64
CA GLU C 223 25.21 14.57 31.28
C GLU C 223 25.15 13.43 30.26
N TYR C 224 25.87 12.34 30.56
CA TYR C 224 25.90 11.14 29.74
C TYR C 224 24.51 10.50 29.66
N LEU C 225 23.84 10.40 30.80
CA LEU C 225 22.49 9.85 30.87
C LEU C 225 21.52 10.73 30.09
N GLU C 226 21.78 12.04 30.10
CA GLU C 226 20.92 13.00 29.39
C GLU C 226 21.06 12.79 27.88
N LYS C 227 22.27 12.46 27.42
CA LYS C 227 22.49 12.21 26.01
C LYS C 227 21.73 10.95 25.58
N LEU C 228 21.88 9.87 26.35
CA LEU C 228 21.22 8.60 26.03
C LEU C 228 19.70 8.81 26.06
N HIS C 229 19.23 9.54 27.06
CA HIS C 229 17.81 9.82 27.20
C HIS C 229 17.26 10.47 25.93
N TYR C 230 18.01 11.44 25.38
CA TYR C 230 17.58 12.20 24.23
C TYR C 230 17.43 11.29 23.01
N LYS C 231 18.32 10.32 22.86
CA LYS C 231 18.31 9.42 21.71
C LYS C 231 17.20 8.38 21.83
N HIS C 232 16.88 7.98 23.07
CA HIS C 232 15.73 7.12 23.33
C HIS C 232 14.43 7.83 22.94
N GLU C 233 14.26 9.06 23.45
CA GLU C 233 13.09 9.87 23.15
C GLU C 233 12.95 10.07 21.64
N SER C 234 14.06 10.40 20.96
CA SER C 234 14.05 10.60 19.52
C SER C 234 13.57 9.35 18.80
N TRP C 235 14.17 8.21 19.16
CA TRP C 235 13.92 6.94 18.49
C TRP C 235 12.49 6.45 18.71
N LEU C 236 12.06 6.42 19.98
CA LEU C 236 10.94 5.58 20.39
C LEU C 236 9.67 6.39 20.64
N LEU C 237 9.80 7.69 20.96
CA LEU C 237 8.67 8.49 21.36
C LEU C 237 8.31 9.49 20.27
N HIS C 238 9.30 10.27 19.82
CA HIS C 238 9.13 11.22 18.73
C HIS C 238 9.16 10.49 17.39
N ARG C 239 9.87 9.35 17.35
CA ARG C 239 9.99 8.52 16.17
C ARG C 239 10.64 9.30 15.03
N THR C 240 11.68 10.08 15.36
CA THR C 240 12.42 10.87 14.38
C THR C 240 13.57 10.04 13.81
N LEU C 241 14.31 9.35 14.69
CA LEU C 241 15.52 8.63 14.31
C LEU C 241 15.22 7.65 13.18
N LYS C 242 15.78 7.94 11.99
CA LYS C 242 15.66 7.08 10.83
C LYS C 242 16.75 6.01 10.91
N THR C 243 16.36 4.75 10.69
CA THR C 243 17.27 3.63 10.81
C THR C 243 17.52 3.06 9.42
N ASN C 244 18.33 2.00 9.36
CA ASN C 244 18.62 1.31 8.11
C ASN C 244 17.61 0.17 7.92
N PHE C 245 16.67 0.05 8.86
CA PHE C 245 15.73 -1.05 8.91
C PHE C 245 14.31 -0.50 8.74
N ASP C 246 13.69 -0.82 7.61
CA ASP C 246 12.50 -0.14 7.13
C ASP C 246 11.28 -0.53 7.97
N TYR C 247 11.24 -1.78 8.46
CA TYR C 247 10.10 -2.29 9.19
C TYR C 247 9.98 -1.64 10.57
N LEU C 248 11.11 -1.18 11.13
CA LEU C 248 11.11 -0.55 12.45
C LEU C 248 10.22 0.69 12.46
N GLN C 249 10.01 1.32 11.30
CA GLN C 249 9.19 2.52 11.20
C GLN C 249 7.73 2.18 11.51
N GLU C 250 7.33 0.94 11.20
CA GLU C 250 5.95 0.49 11.34
C GLU C 250 5.70 -0.19 12.69
N VAL C 251 6.77 -0.58 13.39
CA VAL C 251 6.63 -1.46 14.54
C VAL C 251 5.96 -0.72 15.71
N PRO C 252 4.96 -1.34 16.36
CA PRO C 252 4.25 -0.70 17.47
C PRO C 252 5.12 -0.56 18.74
N ILE C 253 4.89 0.55 19.46
CA ILE C 253 5.69 0.89 20.62
C ILE C 253 4.75 1.27 21.77
N LEU C 254 5.04 0.72 22.95
CA LEU C 254 4.37 1.09 24.18
C LEU C 254 5.37 1.80 25.09
N THR C 255 4.97 2.97 25.60
CA THR C 255 5.81 3.76 26.48
C THR C 255 5.25 3.71 27.89
N LEU C 256 6.11 3.36 28.86
CA LEU C 256 5.74 3.26 30.26
C LEU C 256 6.61 4.18 31.10
N ASP C 257 5.95 5.07 31.87
CA ASP C 257 6.63 5.86 32.88
C ASP C 257 7.02 4.96 34.04
N VAL C 258 8.32 4.86 34.32
CA VAL C 258 8.79 4.01 35.41
C VAL C 258 9.54 4.87 36.45
N ASN C 259 9.15 6.13 36.58
CA ASN C 259 9.81 7.01 37.55
C ASN C 259 9.47 6.57 38.97
N GLU C 260 8.18 6.37 39.23
CA GLU C 260 7.72 5.83 40.50
C GLU C 260 8.22 4.39 40.64
N ASP C 261 8.65 4.03 41.85
CA ASP C 261 9.03 2.65 42.16
C ASP C 261 7.86 1.74 41.80
N PHE C 262 8.17 0.56 41.25
CA PHE C 262 7.11 -0.33 40.79
C PHE C 262 7.36 -1.77 41.25
N LYS C 263 8.48 -2.03 41.95
CA LYS C 263 8.87 -3.37 42.35
C LYS C 263 7.74 -4.08 43.10
N ASP C 264 6.93 -3.33 43.86
CA ASP C 264 5.87 -3.91 44.66
C ASP C 264 4.50 -3.38 44.22
N LYS C 265 4.45 -2.74 43.05
CA LYS C 265 3.21 -2.14 42.58
C LYS C 265 3.29 -1.97 41.07
N TYR C 266 3.12 -3.07 40.33
CA TYR C 266 3.44 -3.10 38.90
C TYR C 266 2.24 -3.50 38.06
N GLU C 267 1.06 -3.64 38.67
CA GLU C 267 -0.08 -4.27 38.02
C GLU C 267 -0.54 -3.44 36.82
N SER C 268 -0.53 -2.11 36.96
CA SER C 268 -0.96 -1.23 35.88
CA SER C 268 -0.97 -1.26 35.87
C SER C 268 -0.01 -1.37 34.69
N LEU C 269 1.30 -1.44 34.98
CA LEU C 269 2.30 -1.60 33.94
C LEU C 269 2.06 -2.92 33.20
N VAL C 270 1.85 -4.00 33.94
CA VAL C 270 1.69 -5.31 33.33
C VAL C 270 0.38 -5.35 32.53
N GLU C 271 -0.67 -4.69 33.03
CA GLU C 271 -1.93 -4.62 32.32
C GLU C 271 -1.77 -3.91 30.98
N LYS C 272 -0.95 -2.86 30.92
CA LYS C 272 -0.70 -2.15 29.69
C LYS C 272 0.05 -3.04 28.70
N VAL C 273 1.00 -3.83 29.20
CA VAL C 273 1.72 -4.80 28.39
C VAL C 273 0.74 -5.80 27.75
N LYS C 274 -0.17 -6.36 28.55
CA LYS C 274 -1.13 -7.35 28.05
C LYS C 274 -2.03 -6.72 27.00
N GLU C 275 -2.51 -5.50 27.24
CA GLU C 275 -3.30 -4.81 26.23
C GLU C 275 -2.47 -4.65 24.96
N PHE C 276 -1.21 -4.26 25.12
CA PHE C 276 -0.29 -4.07 24.01
C PHE C 276 -0.13 -5.36 23.21
N LEU C 277 0.11 -6.47 23.92
CA LEU C 277 0.32 -7.77 23.26
C LEU C 277 -0.91 -8.16 22.45
N SER C 278 -2.10 -7.83 22.97
CA SER C 278 -3.35 -8.28 22.37
C SER C 278 -3.55 -7.66 20.99
N THR C 279 -2.99 -6.45 20.78
CA THR C 279 -3.16 -5.71 19.55
C THR C 279 -2.12 -6.10 18.50
N LEU C 280 -1.14 -6.93 18.88
CA LEU C 280 -0.14 -7.40 17.92
C LEU C 280 -0.70 -8.62 17.19
N THR D 39 -14.06 16.98 17.12
CA THR D 39 -14.11 15.49 16.97
C THR D 39 -15.04 15.13 15.81
N ARG D 40 -14.52 14.33 14.86
CA ARG D 40 -15.30 13.84 13.74
C ARG D 40 -16.10 12.62 14.19
N ILE D 41 -17.41 12.66 13.91
CA ILE D 41 -18.31 11.56 14.21
C ILE D 41 -17.81 10.31 13.51
N LYS D 42 -17.79 9.18 14.23
CA LYS D 42 -17.61 7.88 13.62
C LYS D 42 -18.96 7.40 13.11
N LYS D 43 -18.95 6.88 11.87
CA LYS D 43 -20.16 6.36 11.25
C LYS D 43 -20.02 4.85 11.13
N ILE D 44 -20.89 4.11 11.83
CA ILE D 44 -20.86 2.66 11.80
C ILE D 44 -22.14 2.18 11.12
N SER D 45 -21.98 1.22 10.21
CA SER D 45 -23.11 0.59 9.53
C SER D 45 -23.45 -0.72 10.23
N ILE D 46 -24.74 -0.92 10.51
CA ILE D 46 -25.26 -2.21 10.98
C ILE D 46 -25.96 -2.88 9.80
N GLU D 47 -25.37 -4.01 9.35
CA GLU D 47 -25.81 -4.75 8.18
C GLU D 47 -26.32 -6.12 8.62
N GLY D 48 -27.31 -6.66 7.90
CA GLY D 48 -27.94 -7.92 8.27
C GLY D 48 -29.18 -8.22 7.44
N ASN D 49 -29.49 -9.52 7.31
CA ASN D 49 -30.62 -10.01 6.54
C ASN D 49 -31.90 -9.53 7.21
N ILE D 50 -33.04 -9.76 6.54
CA ILE D 50 -34.34 -9.31 7.03
C ILE D 50 -34.62 -10.02 8.35
N ALA D 51 -35.09 -9.24 9.34
CA ALA D 51 -35.48 -9.73 10.65
C ALA D 51 -34.33 -10.44 11.37
N ALA D 52 -33.09 -10.00 11.13
CA ALA D 52 -31.94 -10.54 11.85
C ALA D 52 -31.86 -9.96 13.25
N GLY D 53 -32.37 -8.73 13.42
CA GLY D 53 -32.38 -8.06 14.71
C GLY D 53 -31.66 -6.70 14.70
N LYS D 54 -31.54 -6.08 13.52
CA LYS D 54 -30.80 -4.83 13.37
C LYS D 54 -31.47 -3.71 14.15
N SER D 55 -32.81 -3.66 14.10
CA SER D 55 -33.58 -2.59 14.71
C SER D 55 -33.68 -2.79 16.22
N THR D 56 -33.71 -4.05 16.66
CA THR D 56 -33.66 -4.36 18.09
C THR D 56 -32.32 -3.87 18.67
N PHE D 57 -31.23 -4.22 17.98
CA PHE D 57 -29.87 -3.99 18.45
C PHE D 57 -29.54 -2.50 18.44
N VAL D 58 -30.06 -1.78 17.45
CA VAL D 58 -29.79 -0.36 17.29
C VAL D 58 -30.51 0.43 18.38
N ASN D 59 -31.69 -0.04 18.80
CA ASN D 59 -32.48 0.62 19.84
C ASN D 59 -31.91 0.30 21.22
N ILE D 60 -31.16 -0.80 21.32
CA ILE D 60 -30.47 -1.17 22.55
C ILE D 60 -29.23 -0.30 22.71
N LEU D 61 -28.46 -0.12 21.62
CA LEU D 61 -27.22 0.64 21.68
C LEU D 61 -27.49 2.09 22.07
N LYS D 62 -28.46 2.73 21.40
CA LYS D 62 -28.63 4.17 21.54
C LYS D 62 -28.96 4.56 22.99
N GLN D 63 -29.58 3.66 23.75
CA GLN D 63 -29.88 3.93 25.15
C GLN D 63 -28.61 4.00 26.01
N LEU D 64 -27.56 3.25 25.60
CA LEU D 64 -26.43 2.98 26.48
C LEU D 64 -25.47 4.16 26.55
N SER D 65 -25.60 5.13 25.66
CA SER D 65 -24.68 6.26 25.65
C SER D 65 -25.33 7.49 25.02
N GLU D 66 -25.10 8.63 25.67
CA GLU D 66 -25.44 9.93 25.11
C GLU D 66 -24.51 10.27 23.96
N ASP D 67 -23.40 9.52 23.82
CA ASP D 67 -22.47 9.66 22.70
C ASP D 67 -22.89 8.82 21.50
N TRP D 68 -23.98 8.05 21.63
CA TRP D 68 -24.37 7.10 20.60
C TRP D 68 -25.74 7.49 20.02
N GLU D 69 -25.81 7.54 18.68
CA GLU D 69 -27.03 7.89 17.99
C GLU D 69 -27.23 6.98 16.77
N VAL D 70 -28.44 7.06 16.21
CA VAL D 70 -28.97 6.04 15.33
C VAL D 70 -29.72 6.70 14.18
N VAL D 71 -29.41 6.27 12.94
CA VAL D 71 -30.21 6.59 11.76
C VAL D 71 -30.98 5.34 11.33
N PRO D 72 -32.28 5.19 11.68
CA PRO D 72 -33.03 4.01 11.28
C PRO D 72 -33.24 3.96 9.77
N GLU D 73 -33.47 2.75 9.25
CA GLU D 73 -33.71 2.55 7.82
C GLU D 73 -35.08 3.12 7.45
N PRO D 74 -35.16 4.09 6.52
CA PRO D 74 -36.44 4.69 6.13
C PRO D 74 -37.51 3.68 5.71
N VAL D 75 -37.10 2.66 4.93
CA VAL D 75 -38.05 1.69 4.39
C VAL D 75 -38.80 0.99 5.54
N ALA D 76 -38.12 0.81 6.67
CA ALA D 76 -38.73 0.14 7.82
C ALA D 76 -39.89 0.94 8.39
N ARG D 77 -39.77 2.27 8.40
CA ARG D 77 -40.82 3.15 8.89
C ARG D 77 -42.00 3.17 7.92
N TRP D 78 -41.72 2.96 6.62
CA TRP D 78 -42.76 2.95 5.60
C TRP D 78 -43.79 1.86 5.92
N SER D 79 -43.29 0.70 6.40
CA SER D 79 -44.15 -0.39 6.81
C SER D 79 -45.12 0.08 7.89
N ASN D 80 -44.56 0.60 9.00
CA ASN D 80 -45.33 1.18 10.09
C ASN D 80 -46.07 2.42 9.59
N LEU D 91 -48.09 9.33 7.75
CA LEU D 91 -48.55 10.76 7.73
C LEU D 91 -47.69 11.57 6.76
N THR D 92 -46.38 11.25 6.67
CA THR D 92 -45.45 12.02 5.86
C THR D 92 -45.60 11.68 4.38
N MET D 93 -45.13 12.59 3.53
CA MET D 93 -45.19 12.44 2.08
C MET D 93 -44.27 11.30 1.64
N GLU D 94 -43.11 11.17 2.29
CA GLU D 94 -42.19 10.06 2.02
C GLU D 94 -42.80 8.74 2.48
N GLN D 95 -43.48 8.75 3.64
CA GLN D 95 -44.06 7.55 4.22
C GLN D 95 -45.24 7.09 3.37
N LYS D 96 -46.10 8.03 2.98
CA LYS D 96 -47.21 7.78 2.08
C LYS D 96 -46.71 7.17 0.77
N ASN D 97 -45.75 7.85 0.13
CA ASN D 97 -45.13 7.37 -1.10
C ASN D 97 -44.46 6.03 -0.88
N GLY D 98 -43.71 5.92 0.23
CA GLY D 98 -42.99 4.70 0.58
C GLY D 98 -43.93 3.53 0.82
N GLY D 99 -45.03 3.77 1.55
CA GLY D 99 -46.05 2.77 1.82
C GLY D 99 -46.69 2.23 0.53
N ASN D 100 -46.99 3.13 -0.41
CA ASN D 100 -47.55 2.74 -1.69
C ASN D 100 -46.54 1.90 -2.47
N VAL D 101 -45.29 2.38 -2.57
CA VAL D 101 -44.32 1.78 -3.46
C VAL D 101 -43.85 0.45 -2.86
N LEU D 102 -43.74 0.37 -1.53
CA LEU D 102 -43.36 -0.88 -0.89
C LEU D 102 -44.41 -1.96 -1.18
N GLN D 103 -45.67 -1.57 -1.13
CA GLN D 103 -46.78 -2.49 -1.34
C GLN D 103 -46.88 -2.88 -2.82
N MET D 104 -46.60 -1.92 -3.71
CA MET D 104 -46.64 -2.18 -5.14
C MET D 104 -45.50 -3.13 -5.54
N MET D 105 -44.37 -3.07 -4.83
CA MET D 105 -43.23 -3.88 -5.20
C MET D 105 -43.49 -5.35 -4.88
N TYR D 106 -44.00 -5.66 -3.69
CA TYR D 106 -44.19 -7.05 -3.32
C TYR D 106 -45.43 -7.61 -4.04
N GLU D 107 -46.30 -6.74 -4.54
CA GLU D 107 -47.36 -7.14 -5.45
C GLU D 107 -46.80 -7.46 -6.83
N LYS D 108 -45.84 -6.67 -7.30
CA LYS D 108 -45.34 -6.77 -8.67
C LYS D 108 -43.92 -6.25 -8.74
N PRO D 109 -42.92 -7.04 -8.29
CA PRO D 109 -41.54 -6.57 -8.22
C PRO D 109 -40.89 -6.24 -9.57
N GLU D 110 -41.34 -6.89 -10.64
CA GLU D 110 -40.78 -6.68 -11.96
C GLU D 110 -41.20 -5.32 -12.54
N ARG D 111 -42.32 -4.76 -12.06
CA ARG D 111 -42.76 -3.42 -12.47
C ARG D 111 -42.12 -2.34 -11.58
N TRP D 112 -41.89 -2.64 -10.30
CA TRP D 112 -41.71 -1.58 -9.30
C TRP D 112 -40.35 -1.60 -8.59
N SER D 113 -39.48 -2.58 -8.87
CA SER D 113 -38.21 -2.69 -8.17
C SER D 113 -37.35 -1.44 -8.39
N PHE D 114 -37.23 -0.99 -9.65
CA PHE D 114 -36.39 0.17 -9.94
C PHE D 114 -36.86 1.36 -9.11
N THR D 115 -38.16 1.67 -9.19
CA THR D 115 -38.70 2.85 -8.53
C THR D 115 -38.50 2.74 -7.02
N PHE D 116 -38.83 1.58 -6.46
CA PHE D 116 -38.65 1.32 -5.05
C PHE D 116 -37.21 1.58 -4.62
N GLN D 117 -36.27 0.94 -5.31
CA GLN D 117 -34.87 0.95 -4.91
C GLN D 117 -34.30 2.36 -5.01
N THR D 118 -34.72 3.12 -6.02
CA THR D 118 -34.22 4.49 -6.17
C THR D 118 -34.70 5.34 -5.00
N TYR D 119 -35.96 5.16 -4.60
CA TYR D 119 -36.57 6.02 -3.60
C TYR D 119 -36.09 5.65 -2.21
N ALA D 120 -35.80 4.35 -1.98
CA ALA D 120 -35.31 3.87 -0.71
C ALA D 120 -33.92 4.41 -0.46
N CYS D 121 -33.06 4.32 -1.48
CA CYS D 121 -31.69 4.78 -1.37
C CYS D 121 -31.64 6.30 -1.24
N LEU D 122 -32.45 7.02 -2.03
CA LEU D 122 -32.58 8.46 -1.87
C LEU D 122 -32.89 8.78 -0.42
N SER D 123 -33.91 8.11 0.12
CA SER D 123 -34.42 8.37 1.45
C SER D 123 -33.34 8.17 2.50
N ARG D 124 -32.59 7.07 2.34
CA ARG D 124 -31.48 6.75 3.24
C ARG D 124 -30.51 7.91 3.27
N ILE D 125 -30.07 8.33 2.07
CA ILE D 125 -29.06 9.36 1.92
C ILE D 125 -29.52 10.64 2.60
N ARG D 126 -30.77 11.02 2.35
CA ARG D 126 -31.30 12.24 2.93
C ARG D 126 -31.28 12.13 4.45
N ALA D 127 -31.73 10.99 4.98
CA ALA D 127 -31.83 10.81 6.43
C ALA D 127 -30.44 10.73 7.08
N GLN D 128 -29.49 10.09 6.40
CA GLN D 128 -28.16 9.88 6.97
C GLN D 128 -27.39 11.20 6.99
N LEU D 129 -27.65 12.05 6.00
CA LEU D 129 -27.00 13.35 5.89
C LEU D 129 -27.56 14.31 6.94
N ALA D 130 -28.88 14.30 7.09
CA ALA D 130 -29.56 15.14 8.07
C ALA D 130 -29.07 14.81 9.48
N SER D 131 -28.97 13.50 9.79
CA SER D 131 -28.55 13.05 11.10
C SER D 131 -27.12 13.49 11.40
N LEU D 132 -26.31 13.62 10.34
CA LEU D 132 -24.88 13.89 10.47
C LEU D 132 -24.64 15.32 10.95
N ASN D 133 -25.53 16.25 10.55
CA ASN D 133 -25.41 17.65 10.92
C ASN D 133 -26.50 18.01 11.92
N GLY D 134 -26.87 17.04 12.76
CA GLY D 134 -27.81 17.25 13.85
C GLY D 134 -27.10 17.14 15.19
N LYS D 135 -27.43 16.09 15.94
CA LYS D 135 -26.89 15.89 17.28
C LYS D 135 -25.42 15.48 17.18
N LEU D 136 -24.85 15.10 18.32
CA LEU D 136 -23.67 14.24 18.35
C LEU D 136 -22.39 15.02 18.02
N LYS D 137 -22.37 16.32 18.36
CA LYS D 137 -21.17 17.12 18.22
C LYS D 137 -20.56 17.44 19.59
N ASP D 138 -21.40 17.53 20.63
CA ASP D 138 -20.91 17.78 21.98
C ASP D 138 -20.17 16.54 22.49
N ALA D 139 -20.55 15.37 21.97
CA ALA D 139 -19.97 14.10 22.36
C ALA D 139 -18.44 14.15 22.25
N GLU D 140 -17.77 13.41 23.15
CA GLU D 140 -16.32 13.29 23.16
C GLU D 140 -15.92 12.21 22.17
N LYS D 141 -16.62 11.07 22.22
CA LYS D 141 -16.39 9.94 21.32
C LYS D 141 -17.67 9.69 20.52
N PRO D 142 -17.95 10.49 19.46
CA PRO D 142 -19.27 10.50 18.81
C PRO D 142 -19.41 9.37 17.80
N VAL D 143 -20.48 8.59 17.92
CA VAL D 143 -20.69 7.43 17.07
C VAL D 143 -22.12 7.49 16.52
N LEU D 144 -22.23 7.44 15.19
CA LEU D 144 -23.51 7.40 14.52
C LEU D 144 -23.66 6.02 13.87
N PHE D 145 -24.76 5.34 14.22
CA PHE D 145 -25.05 4.01 13.70
C PHE D 145 -26.13 4.11 12.61
N PHE D 146 -25.74 3.76 11.37
CA PHE D 146 -26.69 3.59 10.28
C PHE D 146 -27.30 2.18 10.33
N GLU D 147 -28.63 2.10 10.32
CA GLU D 147 -29.30 0.84 10.01
C GLU D 147 -29.22 0.65 8.49
N ARG D 148 -28.30 -0.24 8.07
CA ARG D 148 -27.95 -0.47 6.66
C ARG D 148 -27.37 0.80 6.03
N SER D 149 -26.77 0.60 4.85
CA SER D 149 -26.03 1.63 4.14
C SER D 149 -26.50 1.68 2.68
N VAL D 150 -25.94 2.61 1.92
CA VAL D 150 -26.19 2.71 0.48
C VAL D 150 -25.60 1.49 -0.22
N TYR D 151 -24.58 0.89 0.39
CA TYR D 151 -23.88 -0.23 -0.23
C TYR D 151 -24.78 -1.47 -0.25
N SER D 152 -25.50 -1.72 0.86
CA SER D 152 -26.41 -2.85 0.92
C SER D 152 -27.62 -2.62 0.00
N ASP D 153 -28.04 -1.36 -0.16
CA ASP D 153 -29.11 -1.04 -1.10
C ASP D 153 -28.77 -1.57 -2.49
N ARG D 154 -27.57 -1.21 -2.96
CA ARG D 154 -27.13 -1.54 -4.30
C ARG D 154 -26.68 -3.01 -4.39
N TYR D 155 -25.80 -3.44 -3.47
CA TYR D 155 -25.06 -4.68 -3.67
C TYR D 155 -25.71 -5.87 -2.97
N ILE D 156 -26.81 -5.65 -2.24
CA ILE D 156 -27.59 -6.76 -1.68
C ILE D 156 -28.95 -6.80 -2.38
N PHE D 157 -29.74 -5.74 -2.19
CA PHE D 157 -31.15 -5.75 -2.56
C PHE D 157 -31.35 -5.50 -4.05
N ALA D 158 -30.83 -4.40 -4.57
CA ALA D 158 -30.97 -4.08 -5.98
C ALA D 158 -30.33 -5.19 -6.82
N SER D 159 -29.09 -5.56 -6.44
CA SER D 159 -28.37 -6.63 -7.09
C SER D 159 -29.24 -7.88 -7.21
N ASN D 160 -29.79 -8.32 -6.07
CA ASN D 160 -30.62 -9.51 -6.01
C ASN D 160 -31.83 -9.39 -6.94
N LEU D 161 -32.47 -8.20 -6.98
CA LEU D 161 -33.67 -8.01 -7.79
C LEU D 161 -33.34 -8.17 -9.27
N TYR D 162 -32.19 -7.62 -9.69
CA TYR D 162 -31.69 -7.78 -11.05
C TYR D 162 -31.40 -9.25 -11.35
N GLU D 163 -30.71 -9.95 -10.45
CA GLU D 163 -30.39 -11.35 -10.65
C GLU D 163 -31.65 -12.22 -10.65
N SER D 164 -32.72 -11.75 -9.99
CA SER D 164 -33.99 -12.47 -9.97
CA SER D 164 -33.98 -12.49 -9.98
C SER D 164 -34.88 -12.00 -11.11
N GLU D 165 -34.35 -11.11 -11.98
CA GLU D 165 -35.02 -10.66 -13.19
C GLU D 165 -36.19 -9.73 -12.85
N SER D 166 -36.09 -8.99 -11.74
CA SER D 166 -37.10 -8.02 -11.37
C SER D 166 -36.73 -6.62 -11.87
N MET D 167 -35.47 -6.48 -12.28
CA MET D 167 -35.01 -5.33 -13.04
C MET D 167 -34.37 -5.88 -14.31
N ASN D 168 -34.56 -5.22 -15.46
CA ASN D 168 -33.85 -5.59 -16.67
C ASN D 168 -32.47 -4.91 -16.63
N GLU D 169 -31.66 -5.12 -17.68
CA GLU D 169 -30.28 -4.64 -17.71
C GLU D 169 -30.25 -3.11 -17.70
N THR D 170 -31.15 -2.49 -18.46
CA THR D 170 -31.21 -1.04 -18.55
C THR D 170 -31.53 -0.45 -17.18
N GLU D 171 -32.53 -1.03 -16.50
CA GLU D 171 -32.94 -0.58 -15.17
C GLU D 171 -31.78 -0.64 -14.18
N TRP D 172 -31.02 -1.75 -14.21
CA TRP D 172 -29.91 -2.00 -13.30
C TRP D 172 -28.73 -1.09 -13.62
N THR D 173 -28.39 -0.92 -14.91
CA THR D 173 -27.28 -0.06 -15.30
C THR D 173 -27.62 1.38 -14.98
N ILE D 174 -28.88 1.79 -15.21
CA ILE D 174 -29.33 3.13 -14.88
C ILE D 174 -29.19 3.32 -13.37
N TYR D 175 -29.66 2.34 -12.59
CA TYR D 175 -29.61 2.43 -11.14
C TYR D 175 -28.17 2.62 -10.67
N GLN D 176 -27.25 1.80 -11.21
CA GLN D 176 -25.86 1.87 -10.80
C GLN D 176 -25.26 3.23 -11.17
N ASP D 177 -25.63 3.74 -12.34
CA ASP D 177 -25.14 5.03 -12.81
C ASP D 177 -25.60 6.12 -11.85
N TRP D 178 -26.90 6.11 -11.54
CA TRP D 178 -27.50 7.01 -10.58
C TRP D 178 -26.79 6.90 -9.24
N HIS D 179 -26.58 5.68 -8.77
CA HIS D 179 -26.01 5.40 -7.46
C HIS D 179 -24.56 5.92 -7.39
N ASP D 180 -23.75 5.55 -8.38
CA ASP D 180 -22.39 6.07 -8.49
C ASP D 180 -22.39 7.58 -8.35
N TRP D 181 -23.16 8.25 -9.21
CA TRP D 181 -23.17 9.70 -9.24
C TRP D 181 -23.69 10.24 -7.92
N MET D 182 -24.86 9.74 -7.51
CA MET D 182 -25.55 10.21 -6.31
C MET D 182 -24.56 10.32 -5.16
N ASN D 183 -23.81 9.23 -4.91
CA ASN D 183 -22.99 9.09 -3.74
C ASN D 183 -21.67 9.85 -3.90
N ASN D 184 -21.12 9.88 -5.12
CA ASN D 184 -19.83 10.51 -5.35
C ASN D 184 -19.93 12.03 -5.27
N GLN D 185 -21.15 12.57 -5.37
CA GLN D 185 -21.38 13.98 -5.09
C GLN D 185 -21.18 14.24 -3.60
N PHE D 186 -21.51 13.23 -2.78
CA PHE D 186 -21.36 13.31 -1.34
C PHE D 186 -20.09 12.56 -0.93
N GLY D 187 -18.98 12.84 -1.64
CA GLY D 187 -17.73 12.14 -1.44
C GLY D 187 -17.22 12.30 -0.01
N GLN D 188 -16.87 11.17 0.61
CA GLN D 188 -16.25 11.13 1.93
C GLN D 188 -17.22 11.46 3.06
N SER D 189 -18.40 12.03 2.74
CA SER D 189 -19.26 12.62 3.75
C SER D 189 -19.99 11.54 4.55
N LEU D 190 -20.34 10.42 3.89
CA LEU D 190 -21.05 9.32 4.55
C LEU D 190 -20.19 8.06 4.57
N GLU D 191 -18.88 8.21 4.30
CA GLU D 191 -18.00 7.05 4.24
C GLU D 191 -17.92 6.41 5.62
N LEU D 192 -17.94 5.07 5.65
CA LEU D 192 -18.07 4.32 6.88
C LEU D 192 -16.71 4.12 7.50
N ASP D 193 -16.64 4.25 8.83
CA ASP D 193 -15.44 3.93 9.59
C ASP D 193 -15.43 2.45 9.96
N GLY D 194 -16.63 1.84 10.05
CA GLY D 194 -16.74 0.43 10.35
C GLY D 194 -18.11 -0.14 10.00
N ILE D 195 -18.18 -1.48 9.97
CA ILE D 195 -19.41 -2.21 9.69
C ILE D 195 -19.60 -3.29 10.75
N ILE D 196 -20.84 -3.39 11.26
CA ILE D 196 -21.23 -4.44 12.18
C ILE D 196 -22.24 -5.33 11.48
N TYR D 197 -21.89 -6.61 11.33
CA TYR D 197 -22.68 -7.56 10.56
C TYR D 197 -23.38 -8.52 11.53
N LEU D 198 -24.69 -8.32 11.70
CA LEU D 198 -25.51 -9.20 12.52
C LEU D 198 -25.85 -10.46 11.72
N GLN D 199 -25.09 -11.54 11.99
CA GLN D 199 -25.22 -12.80 11.28
C GLN D 199 -26.29 -13.66 11.95
N ALA D 200 -27.35 -13.94 11.20
CA ALA D 200 -28.35 -14.93 11.59
C ALA D 200 -28.55 -15.89 10.42
N THR D 201 -29.00 -17.12 10.72
CA THR D 201 -29.32 -18.08 9.67
C THR D 201 -30.62 -17.63 8.99
N PRO D 202 -30.83 -18.00 7.70
CA PRO D 202 -32.10 -17.74 7.02
C PRO D 202 -33.30 -18.29 7.78
N GLU D 203 -33.09 -19.42 8.47
CA GLU D 203 -34.14 -20.07 9.24
C GLU D 203 -34.57 -19.17 10.40
N THR D 204 -33.59 -18.56 11.09
CA THR D 204 -33.87 -17.67 12.20
C THR D 204 -34.62 -16.43 11.73
N CYS D 205 -34.22 -15.92 10.55
CA CYS D 205 -34.80 -14.72 9.97
C CYS D 205 -36.27 -14.94 9.62
N LEU D 206 -36.59 -16.11 9.06
CA LEU D 206 -37.96 -16.40 8.66
C LEU D 206 -38.85 -16.48 9.90
N HIS D 207 -38.34 -17.08 10.98
CA HIS D 207 -39.07 -17.12 12.24
C HIS D 207 -39.38 -15.69 12.69
N ARG D 208 -38.33 -14.84 12.69
CA ARG D 208 -38.42 -13.48 13.18
C ARG D 208 -39.32 -12.63 12.29
N ILE D 209 -39.35 -12.93 10.98
CA ILE D 209 -40.30 -12.29 10.07
C ILE D 209 -41.72 -12.55 10.54
N TYR D 210 -42.01 -13.80 10.92
CA TYR D 210 -43.34 -14.17 11.39
C TYR D 210 -43.64 -13.50 12.73
N LEU D 211 -42.68 -13.55 13.66
CA LEU D 211 -42.83 -12.90 14.95
C LEU D 211 -43.19 -11.42 14.78
N ARG D 212 -42.59 -10.77 13.77
CA ARG D 212 -42.72 -9.34 13.60
C ARG D 212 -44.10 -9.02 13.01
N GLY D 213 -44.44 -9.67 11.90
CA GLY D 213 -45.79 -9.63 11.36
C GLY D 213 -46.05 -8.46 10.41
N ARG D 214 -45.13 -8.22 9.48
CA ARG D 214 -45.37 -7.29 8.38
C ARG D 214 -46.05 -8.04 7.24
N ASN D 215 -47.06 -7.40 6.63
CA ASN D 215 -47.85 -8.03 5.59
C ASN D 215 -46.97 -8.30 4.38
N GLU D 216 -46.31 -7.26 3.88
CA GLU D 216 -45.51 -7.34 2.67
C GLU D 216 -44.34 -8.32 2.82
N GLU D 217 -44.14 -8.88 4.02
CA GLU D 217 -43.04 -9.79 4.29
C GLU D 217 -43.53 -11.23 4.51
N GLN D 218 -44.82 -11.43 4.80
CA GLN D 218 -45.32 -12.77 5.08
C GLN D 218 -45.23 -13.64 3.82
N GLY D 219 -45.20 -13.00 2.64
CA GLY D 219 -45.05 -13.70 1.38
C GLY D 219 -43.61 -14.13 1.06
N ILE D 220 -42.66 -13.77 1.94
CA ILE D 220 -41.25 -13.99 1.69
C ILE D 220 -40.91 -15.46 1.90
N PRO D 221 -40.42 -16.17 0.86
CA PRO D 221 -39.95 -17.55 1.03
C PRO D 221 -38.55 -17.62 1.63
N LEU D 222 -38.16 -18.82 2.07
CA LEU D 222 -36.85 -19.06 2.64
C LEU D 222 -35.77 -18.91 1.57
N GLU D 223 -36.12 -19.24 0.33
CA GLU D 223 -35.21 -19.14 -0.81
C GLU D 223 -34.68 -17.71 -0.95
N TYR D 224 -35.60 -16.74 -0.83
CA TYR D 224 -35.28 -15.33 -0.96
C TYR D 224 -34.30 -14.92 0.12
N LEU D 225 -34.58 -15.34 1.36
CA LEU D 225 -33.70 -15.04 2.48
C LEU D 225 -32.34 -15.69 2.27
N GLU D 226 -32.32 -16.91 1.69
CA GLU D 226 -31.08 -17.65 1.50
C GLU D 226 -30.18 -16.92 0.49
N LYS D 227 -30.79 -16.30 -0.54
CA LYS D 227 -30.02 -15.56 -1.53
C LYS D 227 -29.43 -14.30 -0.90
N LEU D 228 -30.24 -13.60 -0.10
CA LEU D 228 -29.77 -12.41 0.61
C LEU D 228 -28.66 -12.82 1.57
N HIS D 229 -28.86 -13.93 2.29
CA HIS D 229 -27.83 -14.47 3.15
C HIS D 229 -26.54 -14.67 2.36
N TYR D 230 -26.64 -15.33 1.19
CA TYR D 230 -25.48 -15.63 0.37
C TYR D 230 -24.66 -14.37 0.11
N LYS D 231 -25.35 -13.25 -0.17
CA LYS D 231 -24.69 -12.02 -0.61
C LYS D 231 -24.09 -11.27 0.58
N HIS D 232 -24.66 -11.42 1.78
CA HIS D 232 -24.10 -10.85 3.00
C HIS D 232 -22.80 -11.57 3.34
N GLU D 233 -22.86 -12.91 3.39
CA GLU D 233 -21.70 -13.76 3.63
C GLU D 233 -20.56 -13.37 2.68
N SER D 234 -20.89 -13.22 1.39
CA SER D 234 -19.90 -12.93 0.36
C SER D 234 -19.21 -11.59 0.64
N TRP D 235 -20.01 -10.57 0.95
CA TRP D 235 -19.53 -9.21 1.07
C TRP D 235 -18.78 -9.01 2.39
N LEU D 236 -19.36 -9.48 3.49
CA LEU D 236 -18.95 -9.05 4.83
C LEU D 236 -18.10 -10.11 5.55
N LEU D 237 -18.32 -11.38 5.25
CA LEU D 237 -17.57 -12.45 5.90
C LEU D 237 -16.39 -12.83 5.01
N HIS D 238 -16.68 -13.29 3.79
CA HIS D 238 -15.67 -13.79 2.86
C HIS D 238 -14.96 -12.64 2.17
N ARG D 239 -15.62 -11.48 2.11
CA ARG D 239 -15.09 -10.27 1.47
C ARG D 239 -14.66 -10.57 0.04
N THR D 240 -15.54 -11.25 -0.70
CA THR D 240 -15.28 -11.64 -2.08
C THR D 240 -15.90 -10.64 -3.05
N LEU D 241 -17.04 -10.05 -2.67
CA LEU D 241 -17.79 -9.15 -3.52
C LEU D 241 -17.10 -7.78 -3.58
N LYS D 242 -16.67 -7.38 -4.78
CA LYS D 242 -15.97 -6.12 -4.99
C LYS D 242 -16.96 -5.05 -5.43
N THR D 243 -16.63 -3.79 -5.08
CA THR D 243 -17.55 -2.67 -5.25
C THR D 243 -16.85 -1.56 -6.02
N ASN D 244 -17.61 -0.49 -6.28
CA ASN D 244 -17.12 0.65 -7.03
C ASN D 244 -16.46 1.64 -6.07
N PHE D 245 -16.29 1.23 -4.81
CA PHE D 245 -15.72 2.05 -3.75
C PHE D 245 -14.56 1.29 -3.13
N ASP D 246 -13.35 1.81 -3.33
CA ASP D 246 -12.13 1.08 -3.03
C ASP D 246 -11.97 0.90 -1.52
N TYR D 247 -12.39 1.93 -0.77
CA TYR D 247 -12.12 2.01 0.66
C TYR D 247 -12.85 0.91 1.42
N LEU D 248 -14.03 0.50 0.91
CA LEU D 248 -14.84 -0.52 1.55
C LEU D 248 -14.05 -1.81 1.75
N GLN D 249 -13.13 -2.10 0.82
CA GLN D 249 -12.37 -3.34 0.87
C GLN D 249 -11.40 -3.30 2.06
N GLU D 250 -11.11 -2.08 2.56
CA GLU D 250 -10.17 -1.87 3.66
C GLU D 250 -10.88 -1.62 5.00
N VAL D 251 -12.19 -1.39 4.99
CA VAL D 251 -12.89 -0.96 6.19
C VAL D 251 -13.13 -2.15 7.13
N PRO D 252 -13.01 -1.97 8.45
CA PRO D 252 -13.12 -3.06 9.42
C PRO D 252 -14.55 -3.51 9.68
N ILE D 253 -14.72 -4.82 9.86
CA ILE D 253 -16.03 -5.45 9.96
C ILE D 253 -16.06 -6.32 11.22
N LEU D 254 -17.11 -6.14 12.02
CA LEU D 254 -17.36 -6.97 13.18
C LEU D 254 -18.58 -7.86 12.91
N THR D 255 -18.38 -9.17 13.03
CA THR D 255 -19.44 -10.15 12.84
C THR D 255 -19.97 -10.61 14.19
N LEU D 256 -21.27 -10.41 14.42
CA LEU D 256 -21.94 -10.84 15.64
C LEU D 256 -22.97 -11.92 15.30
N ASP D 257 -22.86 -13.08 15.97
CA ASP D 257 -23.86 -14.12 15.89
C ASP D 257 -25.10 -13.70 16.66
N VAL D 258 -26.26 -13.60 16.00
CA VAL D 258 -27.47 -13.14 16.67
C VAL D 258 -28.57 -14.18 16.53
N ASN D 259 -28.19 -15.46 16.41
CA ASN D 259 -29.17 -16.53 16.31
C ASN D 259 -29.90 -16.66 17.65
N GLU D 260 -29.13 -16.79 18.72
CA GLU D 260 -29.64 -16.76 20.08
C GLU D 260 -30.32 -15.42 20.35
N ASP D 261 -31.50 -15.44 20.97
CA ASP D 261 -32.24 -14.24 21.31
C ASP D 261 -31.38 -13.38 22.25
N PHE D 262 -31.35 -12.06 22.02
CA PHE D 262 -30.45 -11.19 22.75
C PHE D 262 -31.20 -10.04 23.42
N LYS D 263 -32.52 -9.96 23.26
CA LYS D 263 -33.28 -8.82 23.74
C LYS D 263 -33.04 -8.55 25.24
N ASP D 264 -32.81 -9.61 26.02
CA ASP D 264 -32.67 -9.47 27.47
C ASP D 264 -31.29 -9.97 27.93
N LYS D 265 -30.37 -10.14 26.98
CA LYS D 265 -29.06 -10.67 27.27
C LYS D 265 -28.12 -10.27 26.13
N TYR D 266 -27.68 -9.01 26.14
CA TYR D 266 -27.00 -8.43 25.00
C TYR D 266 -25.65 -7.84 25.38
N GLU D 267 -25.22 -8.05 26.63
CA GLU D 267 -24.07 -7.36 27.17
C GLU D 267 -22.80 -7.79 26.44
N SER D 268 -22.70 -9.09 26.13
CA SER D 268 -21.56 -9.62 25.41
CA SER D 268 -21.55 -9.63 25.42
C SER D 268 -21.48 -9.00 24.02
N LEU D 269 -22.64 -8.86 23.36
CA LEU D 269 -22.70 -8.22 22.06
C LEU D 269 -22.20 -6.79 22.17
N VAL D 270 -22.70 -6.04 23.16
CA VAL D 270 -22.33 -4.64 23.32
C VAL D 270 -20.83 -4.54 23.65
N GLU D 271 -20.31 -5.46 24.47
CA GLU D 271 -18.90 -5.47 24.80
C GLU D 271 -18.05 -5.58 23.54
N LYS D 272 -18.45 -6.47 22.61
CA LYS D 272 -17.71 -6.64 21.37
C LYS D 272 -17.76 -5.36 20.54
N VAL D 273 -18.91 -4.66 20.57
CA VAL D 273 -19.05 -3.38 19.88
C VAL D 273 -18.04 -2.37 20.43
N LYS D 274 -17.97 -2.24 21.77
CA LYS D 274 -17.07 -1.29 22.39
C LYS D 274 -15.61 -1.61 22.06
N GLU D 275 -15.23 -2.90 22.10
CA GLU D 275 -13.87 -3.29 21.77
C GLU D 275 -13.58 -2.96 20.31
N PHE D 276 -14.56 -3.21 19.44
CA PHE D 276 -14.45 -2.88 18.03
C PHE D 276 -14.22 -1.38 17.86
N LEU D 277 -15.07 -0.57 18.51
CA LEU D 277 -15.01 0.88 18.37
C LEU D 277 -13.63 1.42 18.74
N SER D 278 -12.95 0.77 19.71
CA SER D 278 -11.70 1.28 20.25
C SER D 278 -10.55 1.11 19.27
N THR D 279 -10.69 0.23 18.26
CA THR D 279 -9.65 -0.01 17.28
C THR D 279 -9.79 0.89 16.05
N LEU D 280 -10.89 1.65 15.94
CA LEU D 280 -11.17 2.44 14.77
C LEU D 280 -10.51 3.82 14.90
#